data_9II0
#
_entry.id   9II0
#
_cell.length_a   61.070
_cell.length_b   40.350
_cell.length_c   195.390
_cell.angle_alpha   90.00
_cell.angle_beta   96.01
_cell.angle_gamma   90.00
#
_symmetry.space_group_name_H-M   'P 1 2 1'
#
loop_
_entity.id
_entity.type
_entity.pdbx_description
1 polymer 'Glycoside hydrolase family 57 N-terminal domain-containing protein'
2 branched alpha-D-glucopyranose-(1-4)-alpha-D-glucopyranose-(1-4)-alpha-D-glucopyranose-(1-4)-alpha-D-glucopyranose-(1-4)-alpha-D-glucopyranose-(1-4)-alpha-D-glucopyranose-(1-4)-alpha-D-glucopyranose
3 non-polymer GLYCEROL
4 water water
#
_entity_poly.entity_id   1
_entity_poly.type   'polypeptide(L)'
_entity_poly.pdbx_seq_one_letter_code
;MKKLFLVFWWHMHQPLYREPYTGEYLLPWTFFHAVKDYYDMPAYLKDFEIKLNFNLTPVLIDQIQEYAQGKAKDVFLEAI
RKDPDDLEKEEVEKLIEFTKLNYEKPIYRFERIRELMNKEKLNREELLDLQTLNLLAWCGRTLRKDLKDLLNKGRNYTQE
EKEYVLNKYFEIIKKTLSIYREIKEEGKGSVSTSPYYHPLIPILLNPNCVYETTPNVKIPDFAVSFREDASKHVELAKEK
YFEIFGEHPVYMWPPEASVSNEALELYYEKGINMLATDEVILKNSVERASPYLRYYFRELISVFFRDKTLSDLIGFSYHA
WNAEDAVRDFIGRLKKIHESVDFQPVVFVVLNGENCWEYYEENGIPFLEKLYSTLEKEEWIETLTLEEAMRKEDVKTEVI
ESVKAGTWFDGNFLKWIGNKEKNEYWKILIEAKKKAKNDYILVAEGSDWFWWQGEEKAPFVEVFDKLFRSFVRRAQE
;
_entity_poly.pdbx_strand_id   A,B
#
# COMPACT_ATOMS: atom_id res chain seq x y z
N LYS A 2 -17.22 2.86 -10.84
CA LYS A 2 -16.57 2.54 -12.11
C LYS A 2 -15.23 3.24 -12.25
N LYS A 3 -14.13 2.49 -12.34
CA LYS A 3 -12.80 3.06 -12.34
C LYS A 3 -12.17 2.96 -13.73
N LEU A 4 -11.27 3.89 -14.02
CA LEU A 4 -10.31 3.71 -15.09
C LEU A 4 -9.03 3.17 -14.46
N PHE A 5 -8.46 2.14 -15.07
CA PHE A 5 -7.20 1.56 -14.60
C PHE A 5 -6.05 2.10 -15.44
N LEU A 6 -5.10 2.72 -14.77
CA LEU A 6 -3.98 3.37 -15.43
C LEU A 6 -2.70 2.62 -15.10
N VAL A 7 -1.91 2.25 -16.12
CA VAL A 7 -0.69 1.49 -15.92
C VAL A 7 0.46 2.22 -16.63
N PHE A 8 1.36 2.83 -15.85
CA PHE A 8 2.61 3.36 -16.39
C PHE A 8 3.64 2.27 -16.44
N TRP A 9 4.39 2.21 -17.54
CA TRP A 9 5.45 1.20 -17.69
C TRP A 9 6.60 1.94 -18.33
N TRP A 10 7.55 2.35 -17.51
CA TRP A 10 8.71 3.14 -17.93
C TRP A 10 9.83 2.20 -18.32
N HIS A 11 10.26 2.27 -19.57
CA HIS A 11 11.28 1.37 -20.10
C HIS A 11 12.66 1.99 -20.08
N MET A 12 13.63 1.28 -19.48
CA MET A 12 14.98 1.75 -19.24
C MET A 12 15.94 0.86 -20.02
N HIS A 13 16.74 1.44 -20.90
CA HIS A 13 17.65 0.59 -21.67
C HIS A 13 18.87 1.38 -22.11
N GLN A 14 20.04 0.71 -22.14
CA GLN A 14 21.21 1.25 -22.87
C GLN A 14 21.91 0.05 -23.51
N PRO A 15 22.34 0.19 -24.76
CA PRO A 15 23.19 -0.84 -25.36
C PRO A 15 24.53 -0.89 -24.65
N LEU A 16 25.30 -1.94 -24.94
CA LEU A 16 26.59 -2.13 -24.27
C LEU A 16 27.63 -1.18 -24.86
N TYR A 17 28.03 -0.18 -24.08
CA TYR A 17 29.04 0.78 -24.51
C TYR A 17 30.46 0.31 -24.23
N ARG A 18 30.65 -0.86 -23.63
CA ARG A 18 31.96 -1.34 -23.22
C ARG A 18 32.62 -2.08 -24.37
N GLU A 19 33.65 -1.47 -24.92
CA GLU A 19 34.41 -2.06 -26.02
C GLU A 19 35.16 -3.30 -25.54
N PRO A 20 35.04 -4.44 -26.23
CA PRO A 20 35.47 -5.72 -25.64
C PRO A 20 36.98 -5.94 -25.65
N TYR A 21 37.73 -5.16 -26.41
CA TYR A 21 39.17 -5.36 -26.48
C TYR A 21 39.91 -4.51 -25.48
N THR A 22 39.44 -3.29 -25.24
CA THR A 22 40.03 -2.36 -24.29
C THR A 22 39.25 -2.26 -22.99
N GLY A 23 38.02 -2.75 -22.95
CA GLY A 23 37.19 -2.60 -21.77
C GLY A 23 36.73 -1.19 -21.46
N GLU A 24 36.89 -0.25 -22.40
CA GLU A 24 36.49 1.13 -22.14
C GLU A 24 35.06 1.39 -22.58
N TYR A 25 34.33 2.15 -21.76
CA TYR A 25 33.01 2.64 -22.10
C TYR A 25 33.17 3.82 -23.04
N LEU A 26 32.75 3.66 -24.28
CA LEU A 26 33.09 4.64 -25.32
C LEU A 26 32.09 5.78 -25.40
N LEU A 27 30.95 5.68 -24.73
CA LEU A 27 30.06 6.81 -24.57
C LEU A 27 29.58 6.78 -23.13
N PRO A 28 29.29 7.93 -22.55
CA PRO A 28 28.98 7.95 -21.11
C PRO A 28 27.49 7.92 -20.81
N TRP A 29 26.66 7.50 -21.76
CA TRP A 29 25.22 7.72 -21.60
C TRP A 29 24.64 6.87 -20.50
N THR A 30 25.25 5.71 -20.20
CA THR A 30 24.72 4.93 -19.10
C THR A 30 24.96 5.65 -17.78
N PHE A 31 26.16 6.20 -17.61
CA PHE A 31 26.46 6.95 -16.38
C PHE A 31 25.52 8.13 -16.22
N PHE A 32 25.32 8.91 -17.28
CA PHE A 32 24.53 10.13 -17.18
C PHE A 32 23.04 9.85 -16.95
N HIS A 33 22.46 8.85 -17.64
CA HIS A 33 21.07 8.55 -17.37
C HIS A 33 20.92 7.84 -16.04
N ALA A 34 21.96 7.15 -15.57
CA ALA A 34 21.90 6.58 -14.23
C ALA A 34 21.84 7.66 -13.16
N VAL A 35 22.70 8.68 -13.25
CA VAL A 35 22.68 9.73 -12.23
C VAL A 35 21.46 10.63 -12.35
N LYS A 36 20.88 10.76 -13.54
CA LYS A 36 19.74 11.67 -13.69
C LYS A 36 18.40 10.96 -13.57
N ASP A 37 18.30 9.73 -14.09
CA ASP A 37 16.98 9.15 -14.27
C ASP A 37 16.81 7.77 -13.66
N TYR A 38 17.79 6.86 -13.80
CA TYR A 38 17.51 5.47 -13.47
C TYR A 38 17.27 5.29 -11.98
N TYR A 39 17.91 6.10 -11.14
CA TYR A 39 17.54 6.04 -9.72
C TYR A 39 16.30 6.87 -9.43
N ASP A 40 16.19 8.04 -10.07
CA ASP A 40 15.22 9.02 -9.62
C ASP A 40 13.80 8.74 -10.09
N MET A 41 13.64 8.07 -11.22
CA MET A 41 12.30 7.69 -11.69
C MET A 41 11.60 6.76 -10.71
N PRO A 42 12.18 5.62 -10.28
CA PRO A 42 11.52 4.86 -9.20
C PRO A 42 11.50 5.58 -7.87
N ALA A 43 12.47 6.43 -7.59
CA ALA A 43 12.49 7.10 -6.30
C ALA A 43 11.29 8.02 -6.09
N TYR A 44 10.60 8.44 -7.16
CA TYR A 44 9.34 9.16 -6.99
C TYR A 44 8.35 8.41 -6.10
N LEU A 45 8.40 7.08 -6.11
CA LEU A 45 7.49 6.27 -5.29
C LEU A 45 7.74 6.42 -3.78
N LYS A 46 8.86 7.02 -3.37
CA LYS A 46 9.02 7.32 -1.94
C LYS A 46 8.12 8.47 -1.52
N ASP A 47 7.84 9.38 -2.46
CA ASP A 47 7.07 10.57 -2.16
C ASP A 47 5.62 10.50 -2.62
N PHE A 48 5.31 9.67 -3.60
CA PHE A 48 3.94 9.62 -4.12
C PHE A 48 3.40 8.21 -3.98
N GLU A 49 2.22 8.11 -3.39
CA GLU A 49 1.58 6.82 -3.13
C GLU A 49 0.70 6.42 -4.32
N ILE A 50 1.36 6.12 -5.43
CA ILE A 50 0.68 5.54 -6.60
C ILE A 50 1.52 4.34 -7.04
N LYS A 51 1.05 3.62 -8.08
CA LYS A 51 1.79 2.50 -8.67
C LYS A 51 2.45 2.94 -9.97
N LEU A 52 3.73 2.60 -10.13
CA LEU A 52 4.51 2.86 -11.33
C LEU A 52 5.34 1.61 -11.63
N ASN A 53 5.38 1.21 -12.91
CA ASN A 53 6.11 0.00 -13.25
C ASN A 53 7.33 0.36 -14.10
N PHE A 54 8.30 -0.55 -14.13
CA PHE A 54 9.57 -0.25 -14.79
C PHE A 54 10.03 -1.48 -15.53
N ASN A 55 10.68 -1.25 -16.68
CA ASN A 55 11.41 -2.29 -17.39
C ASN A 55 12.89 -1.94 -17.38
N LEU A 56 13.74 -2.92 -17.06
CA LEU A 56 15.19 -2.74 -17.15
C LEU A 56 15.77 -3.85 -18.02
N THR A 57 16.49 -3.48 -19.06
CA THR A 57 17.08 -4.54 -19.85
C THR A 57 18.26 -5.13 -19.08
N PRO A 58 18.54 -6.43 -19.26
CA PRO A 58 19.70 -7.03 -18.59
C PRO A 58 21.01 -6.39 -18.98
N VAL A 59 21.17 -5.95 -20.23
CA VAL A 59 22.43 -5.30 -20.64
C VAL A 59 22.61 -3.97 -19.92
N LEU A 60 21.51 -3.25 -19.68
CA LEU A 60 21.60 -2.06 -18.83
C LEU A 60 22.03 -2.42 -17.43
N ILE A 61 21.41 -3.44 -16.83
CA ILE A 61 21.73 -3.82 -15.46
C ILE A 61 23.21 -4.18 -15.32
N ASP A 62 23.75 -4.90 -16.31
CA ASP A 62 25.18 -5.23 -16.30
C ASP A 62 26.05 -3.97 -16.19
N GLN A 63 25.68 -2.91 -16.91
CA GLN A 63 26.52 -1.71 -16.93
C GLN A 63 26.38 -0.92 -15.65
N ILE A 64 25.15 -0.77 -15.13
CA ILE A 64 24.97 -0.12 -13.85
C ILE A 64 25.82 -0.82 -12.79
N GLN A 65 25.81 -2.16 -12.77
CA GLN A 65 26.60 -2.90 -11.77
C GLN A 65 28.08 -2.59 -11.92
N GLU A 66 28.55 -2.52 -13.16
CA GLU A 66 29.96 -2.23 -13.40
C GLU A 66 30.33 -0.84 -12.88
N TYR A 67 29.48 0.15 -13.14
CA TYR A 67 29.76 1.49 -12.62
C TYR A 67 29.68 1.51 -11.09
N ALA A 68 28.67 0.84 -10.53
CA ALA A 68 28.54 0.79 -9.07
C ALA A 68 29.78 0.17 -8.42
N GLN A 69 30.44 -0.76 -9.10
CA GLN A 69 31.62 -1.36 -8.49
C GLN A 69 32.88 -0.52 -8.71
N GLY A 70 32.79 0.62 -9.39
CA GLY A 70 33.99 1.38 -9.64
C GLY A 70 34.88 0.78 -10.71
N LYS A 71 34.36 -0.16 -11.48
CA LYS A 71 35.13 -0.88 -12.48
C LYS A 71 35.07 -0.20 -13.86
N ALA A 72 33.99 0.55 -14.16
CA ALA A 72 33.75 1.11 -15.48
C ALA A 72 34.82 2.14 -15.84
N LYS A 73 35.52 1.90 -16.94
CA LYS A 73 36.50 2.84 -17.47
C LYS A 73 35.81 3.63 -18.57
N ASP A 74 35.38 4.84 -18.25
CA ASP A 74 34.51 5.64 -19.11
C ASP A 74 35.31 6.82 -19.68
N VAL A 75 35.48 6.81 -21.01
CA VAL A 75 36.40 7.71 -21.69
C VAL A 75 35.98 9.17 -21.50
N PHE A 76 34.69 9.48 -21.70
CA PHE A 76 34.23 10.85 -21.51
C PHE A 76 34.31 11.25 -20.05
N LEU A 77 33.96 10.35 -19.14
CA LEU A 77 34.01 10.69 -17.71
C LEU A 77 35.43 10.97 -17.26
N GLU A 78 36.42 10.28 -17.83
CA GLU A 78 37.81 10.65 -17.56
C GLU A 78 38.14 12.05 -18.07
N ALA A 79 37.55 12.45 -19.21
CA ALA A 79 37.76 13.83 -19.65
C ALA A 79 37.12 14.83 -18.69
N ILE A 80 36.07 14.43 -17.98
CA ILE A 80 35.48 15.29 -16.94
C ILE A 80 36.34 15.27 -15.68
N ARG A 81 36.76 14.09 -15.26
CA ARG A 81 37.38 13.96 -13.94
C ARG A 81 38.72 14.65 -13.88
N LYS A 82 39.46 14.68 -14.99
CA LYS A 82 40.85 15.14 -14.96
C LYS A 82 40.94 16.61 -14.62
N ASP A 83 42.01 16.98 -13.94
CA ASP A 83 42.37 18.39 -13.87
C ASP A 83 42.59 18.89 -15.30
N PRO A 84 42.02 20.04 -15.67
CA PRO A 84 42.15 20.48 -17.07
C PRO A 84 43.59 20.58 -17.54
N ASP A 85 44.55 20.86 -16.64
CA ASP A 85 45.96 20.87 -17.04
C ASP A 85 46.41 19.55 -17.65
N ASP A 86 45.77 18.44 -17.30
CA ASP A 86 46.16 17.13 -17.80
C ASP A 86 45.35 16.70 -19.02
N LEU A 87 44.42 17.53 -19.49
CA LEU A 87 43.57 17.16 -20.61
C LEU A 87 44.36 17.10 -21.91
N GLU A 88 44.21 16.01 -22.65
CA GLU A 88 44.63 15.99 -24.05
C GLU A 88 43.73 16.88 -24.88
N LYS A 89 44.29 17.40 -25.98
CA LYS A 89 43.52 18.16 -26.95
C LYS A 89 42.30 17.39 -27.44
N GLU A 90 42.46 16.10 -27.69
CA GLU A 90 41.33 15.24 -28.08
C GLU A 90 40.25 15.22 -27.00
N GLU A 91 40.66 15.23 -25.73
CA GLU A 91 39.68 15.21 -24.65
C GLU A 91 38.96 16.55 -24.52
N VAL A 92 39.65 17.65 -24.78
CA VAL A 92 38.98 18.95 -24.80
C VAL A 92 37.96 19.01 -25.93
N GLU A 93 38.32 18.51 -27.11
CA GLU A 93 37.39 18.49 -28.23
C GLU A 93 36.13 17.69 -27.91
N LYS A 94 36.28 16.52 -27.26
CA LYS A 94 35.11 15.72 -26.93
C LYS A 94 34.21 16.44 -25.91
N LEU A 95 34.83 17.11 -24.94
CA LEU A 95 34.06 17.87 -23.96
C LEU A 95 33.28 19.01 -24.62
N ILE A 96 33.91 19.69 -25.57
CA ILE A 96 33.24 20.76 -26.29
C ILE A 96 32.15 20.18 -27.20
N GLU A 97 32.46 19.12 -27.94
CA GLU A 97 31.46 18.45 -28.77
C GLU A 97 30.26 18.02 -27.95
N PHE A 98 30.52 17.38 -26.80
CA PHE A 98 29.44 16.89 -25.96
C PHE A 98 28.59 18.04 -25.42
N THR A 99 29.23 19.17 -25.06
CA THR A 99 28.46 20.33 -24.63
C THR A 99 27.56 20.85 -25.77
N LYS A 100 28.11 20.99 -26.98
CA LYS A 100 27.34 21.52 -28.10
C LYS A 100 26.16 20.62 -28.45
N LEU A 101 26.33 19.30 -28.33
CA LEU A 101 25.24 18.38 -28.60
C LEU A 101 24.07 18.61 -27.66
N ASN A 102 24.35 18.95 -26.41
CA ASN A 102 23.34 19.08 -25.36
C ASN A 102 22.92 20.51 -25.10
N TYR A 103 23.52 21.44 -25.83
CA TYR A 103 23.51 22.85 -25.48
C TYR A 103 22.11 23.45 -25.40
N GLU A 104 21.20 23.02 -26.28
CA GLU A 104 19.87 23.63 -26.31
C GLU A 104 18.89 22.96 -25.35
N LYS A 105 19.29 21.89 -24.68
CA LYS A 105 18.41 21.22 -23.71
C LYS A 105 18.22 22.10 -22.48
N PRO A 106 16.99 22.23 -21.98
CA PRO A 106 16.74 23.02 -20.76
C PRO A 106 17.62 22.65 -19.57
N ILE A 107 18.00 21.37 -19.43
CA ILE A 107 18.86 20.99 -18.31
C ILE A 107 20.24 21.60 -18.42
N TYR A 108 20.63 22.07 -19.61
CA TYR A 108 21.91 22.75 -19.83
C TYR A 108 21.80 24.26 -19.74
N ARG A 109 20.69 24.80 -19.25
CA ARG A 109 20.47 26.25 -19.30
C ARG A 109 21.20 26.89 -18.12
N PHE A 110 22.51 27.03 -18.27
CA PHE A 110 23.34 27.80 -17.35
C PHE A 110 23.97 28.96 -18.11
N GLU A 111 23.87 30.16 -17.54
CA GLU A 111 24.50 31.33 -18.15
C GLU A 111 25.97 31.08 -18.44
N ARG A 112 26.68 30.45 -17.49
CA ARG A 112 28.11 30.22 -17.67
C ARG A 112 28.42 29.34 -18.88
N ILE A 113 27.53 28.40 -19.23
CA ILE A 113 27.77 27.56 -20.41
C ILE A 113 27.72 28.39 -21.67
N ARG A 114 26.73 29.28 -21.76
CA ARG A 114 26.63 30.16 -22.91
C ARG A 114 27.92 30.97 -23.08
N GLU A 115 28.46 31.49 -21.99
CA GLU A 115 29.68 32.29 -22.07
C GLU A 115 30.86 31.45 -22.52
N LEU A 116 30.99 30.24 -21.96
CA LEU A 116 32.12 29.39 -22.30
C LEU A 116 32.09 29.01 -23.77
N MET A 117 30.90 28.72 -24.30
CA MET A 117 30.84 28.28 -25.69
C MET A 117 31.04 29.44 -26.67
N ASN A 118 31.08 30.67 -26.19
CA ASN A 118 31.31 31.85 -27.01
C ASN A 118 32.75 32.33 -26.95
N LYS A 119 33.63 31.60 -26.30
CA LYS A 119 35.04 31.94 -26.23
C LYS A 119 35.83 31.09 -27.22
N GLU A 120 36.88 31.70 -27.80
CA GLU A 120 37.67 30.95 -28.77
C GLU A 120 38.59 29.97 -28.07
N LYS A 121 39.21 30.37 -26.96
CA LYS A 121 40.07 29.46 -26.21
C LYS A 121 39.58 29.41 -24.76
N LEU A 122 39.94 28.33 -24.08
CA LEU A 122 39.52 28.13 -22.69
C LEU A 122 40.75 27.90 -21.83
N ASN A 123 40.91 28.69 -20.77
CA ASN A 123 41.96 28.45 -19.80
C ASN A 123 41.46 27.39 -18.81
N ARG A 124 42.27 27.12 -17.78
CA ARG A 124 41.99 26.03 -16.85
C ARG A 124 40.72 26.29 -16.06
N GLU A 125 40.54 27.52 -15.58
CA GLU A 125 39.35 27.85 -14.80
C GLU A 125 38.09 27.70 -15.63
N GLU A 126 38.15 28.06 -16.91
CA GLU A 126 36.98 27.92 -17.76
C GLU A 126 36.70 26.46 -18.06
N LEU A 127 37.74 25.69 -18.33
CA LEU A 127 37.55 24.26 -18.55
C LEU A 127 36.96 23.60 -17.32
N LEU A 128 37.42 23.99 -16.12
CA LEU A 128 36.88 23.42 -14.90
C LEU A 128 35.38 23.66 -14.81
N ASP A 129 34.95 24.86 -15.22
CA ASP A 129 33.53 25.17 -15.24
C ASP A 129 32.79 24.32 -16.25
N LEU A 130 33.35 24.16 -17.45
CA LEU A 130 32.72 23.31 -18.47
C LEU A 130 32.60 21.87 -17.99
N GLN A 131 33.63 21.35 -17.31
CA GLN A 131 33.54 19.97 -16.81
C GLN A 131 32.45 19.84 -15.76
N THR A 132 32.46 20.73 -14.78
CA THR A 132 31.54 20.63 -13.64
C THR A 132 30.10 20.91 -14.06
N LEU A 133 29.89 21.87 -14.98
CA LEU A 133 28.52 22.17 -15.40
C LEU A 133 27.94 21.06 -16.26
N ASN A 134 28.79 20.39 -17.05
CA ASN A 134 28.31 19.21 -17.74
C ASN A 134 27.80 18.18 -16.75
N LEU A 135 28.50 18.02 -15.63
CA LEU A 135 28.05 17.11 -14.59
C LEU A 135 26.77 17.61 -13.95
N LEU A 136 26.75 18.89 -13.54
CA LEU A 136 25.58 19.40 -12.83
C LEU A 136 24.34 19.43 -13.72
N ALA A 137 24.50 19.57 -15.04
CA ALA A 137 23.35 19.53 -15.94
C ALA A 137 22.58 18.22 -15.82
N TRP A 138 23.26 17.12 -15.48
CA TRP A 138 22.58 15.82 -15.40
C TRP A 138 22.17 15.47 -13.97
N CYS A 139 22.17 16.43 -13.06
CA CYS A 139 21.77 16.18 -11.68
C CYS A 139 20.33 15.71 -11.62
N GLY A 140 20.09 14.61 -10.87
CA GLY A 140 18.75 14.08 -10.76
C GLY A 140 17.97 14.76 -9.64
N ARG A 141 16.67 14.46 -9.60
CA ARG A 141 15.76 15.06 -8.61
C ARG A 141 16.31 14.97 -7.18
N THR A 142 16.81 13.80 -6.80
CA THR A 142 17.22 13.58 -5.40
C THR A 142 18.38 14.47 -5.00
N LEU A 143 19.42 14.54 -5.82
CA LEU A 143 20.57 15.35 -5.44
C LEU A 143 20.38 16.83 -5.67
N ARG A 144 19.25 17.27 -6.26
CA ARG A 144 18.97 18.70 -6.34
C ARG A 144 19.08 19.37 -4.98
N LYS A 145 18.78 18.66 -3.90
CA LYS A 145 18.85 19.29 -2.59
C LYS A 145 20.29 19.36 -2.08
N ASP A 146 21.00 18.24 -2.07
CA ASP A 146 22.37 18.22 -1.57
C ASP A 146 23.24 19.18 -2.35
N LEU A 147 23.04 19.28 -3.67
CA LEU A 147 23.94 20.03 -4.55
C LEU A 147 23.41 21.42 -4.85
N LYS A 148 22.36 21.86 -4.17
CA LYS A 148 21.77 23.16 -4.48
C LYS A 148 22.82 24.28 -4.40
N ASP A 149 23.73 24.22 -3.41
CA ASP A 149 24.75 25.27 -3.30
C ASP A 149 25.59 25.34 -4.57
N LEU A 150 26.02 24.21 -5.09
CA LEU A 150 26.84 24.21 -6.30
C LEU A 150 26.03 24.57 -7.53
N LEU A 151 24.76 24.12 -7.60
CA LEU A 151 23.91 24.51 -8.72
C LEU A 151 23.70 26.02 -8.76
N ASN A 152 23.42 26.64 -7.61
CA ASN A 152 23.22 28.09 -7.56
C ASN A 152 24.51 28.88 -7.79
N LYS A 153 25.67 28.28 -7.51
CA LYS A 153 26.95 28.98 -7.68
C LYS A 153 27.16 29.39 -9.13
N GLY A 154 26.99 28.43 -10.05
CA GLY A 154 26.87 28.70 -11.46
C GLY A 154 28.17 28.85 -12.23
N ARG A 155 29.31 28.98 -11.55
CA ARG A 155 30.59 29.28 -12.17
C ARG A 155 31.68 29.19 -11.11
N ASN A 156 32.93 29.24 -11.56
CA ASN A 156 34.10 29.30 -10.67
C ASN A 156 34.24 28.05 -9.82
N TYR A 157 33.99 26.89 -10.43
CA TYR A 157 34.14 25.64 -9.72
C TYR A 157 35.60 25.24 -9.59
N THR A 158 35.90 24.56 -8.50
CA THR A 158 37.21 24.00 -8.26
C THR A 158 37.25 22.51 -8.59
N GLN A 159 38.47 22.00 -8.68
CA GLN A 159 38.64 20.55 -8.83
C GLN A 159 38.02 19.79 -7.66
N GLU A 160 38.11 20.29 -6.43
CA GLU A 160 37.52 19.54 -5.31
C GLU A 160 35.99 19.56 -5.34
N GLU A 161 35.38 20.68 -5.76
CA GLU A 161 33.92 20.66 -5.89
C GLU A 161 33.49 19.65 -6.94
N LYS A 162 34.22 19.60 -8.06
CA LYS A 162 33.87 18.68 -9.13
C LYS A 162 33.95 17.23 -8.65
N GLU A 163 35.00 16.90 -7.90
CA GLU A 163 35.14 15.55 -7.35
C GLU A 163 34.06 15.25 -6.33
N TYR A 164 33.61 16.26 -5.59
CA TYR A 164 32.48 16.07 -4.68
C TYR A 164 31.23 15.64 -5.45
N VAL A 165 30.93 16.34 -6.55
CA VAL A 165 29.77 15.98 -7.37
C VAL A 165 29.91 14.55 -7.88
N LEU A 166 31.08 14.18 -8.41
CA LEU A 166 31.31 12.81 -8.87
C LEU A 166 31.09 11.80 -7.75
N ASN A 167 31.57 12.12 -6.54
CA ASN A 167 31.39 11.18 -5.44
C ASN A 167 29.90 10.99 -5.14
N LYS A 168 29.13 12.07 -5.16
CA LYS A 168 27.69 11.93 -4.89
C LYS A 168 26.99 11.20 -6.02
N TYR A 169 27.47 11.38 -7.26
CA TYR A 169 26.87 10.69 -8.40
C TYR A 169 27.11 9.19 -8.33
N PHE A 170 28.32 8.78 -7.92
CA PHE A 170 28.59 7.35 -7.79
C PHE A 170 27.82 6.74 -6.62
N GLU A 171 27.56 7.51 -5.55
CA GLU A 171 26.65 7.03 -4.50
C GLU A 171 25.28 6.72 -5.07
N ILE A 172 24.76 7.61 -5.92
CA ILE A 172 23.45 7.37 -6.55
C ILE A 172 23.50 6.09 -7.37
N ILE A 173 24.57 5.89 -8.14
CA ILE A 173 24.63 4.70 -8.98
C ILE A 173 24.66 3.45 -8.12
N LYS A 174 25.39 3.48 -6.99
CA LYS A 174 25.46 2.31 -6.13
C LYS A 174 24.11 1.93 -5.51
N LYS A 175 23.18 2.88 -5.44
CA LYS A 175 21.85 2.64 -4.86
C LYS A 175 20.80 2.29 -5.92
N THR A 176 21.17 2.28 -7.20
CA THR A 176 20.17 2.27 -8.26
C THR A 176 19.46 0.94 -8.35
N LEU A 177 20.21 -0.18 -8.40
CA LEU A 177 19.52 -1.47 -8.44
C LEU A 177 18.68 -1.69 -7.18
N SER A 178 19.15 -1.19 -6.03
CA SER A 178 18.43 -1.44 -4.78
C SER A 178 17.08 -0.76 -4.74
N ILE A 179 16.94 0.42 -5.36
CA ILE A 179 15.65 1.11 -5.31
C ILE A 179 14.62 0.37 -6.15
N TYR A 180 15.02 -0.24 -7.26
CA TYR A 180 14.09 -1.10 -8.01
C TYR A 180 13.66 -2.28 -7.15
N ARG A 181 14.61 -2.94 -6.48
CA ARG A 181 14.21 -4.00 -5.56
C ARG A 181 13.27 -3.46 -4.50
N GLU A 182 13.58 -2.27 -3.96
CA GLU A 182 12.78 -1.72 -2.86
C GLU A 182 11.35 -1.43 -3.29
N ILE A 183 11.14 -0.83 -4.48
CA ILE A 183 9.76 -0.49 -4.82
C ILE A 183 8.99 -1.75 -5.19
N LYS A 184 9.67 -2.76 -5.73
CA LYS A 184 9.03 -4.04 -5.96
C LYS A 184 8.63 -4.70 -4.64
N GLU A 185 9.55 -4.67 -3.65
CA GLU A 185 9.27 -5.37 -2.39
C GLU A 185 8.21 -4.66 -1.57
N GLU A 186 8.08 -3.36 -1.74
CA GLU A 186 7.04 -2.60 -1.07
C GLU A 186 5.70 -2.69 -1.79
N GLY A 187 5.63 -3.38 -2.93
CA GLY A 187 4.40 -3.46 -3.70
C GLY A 187 4.05 -2.18 -4.43
N LYS A 188 4.99 -1.24 -4.55
CA LYS A 188 4.71 0.04 -5.16
C LYS A 188 4.78 -0.01 -6.68
N GLY A 189 5.35 -1.06 -7.24
CA GLY A 189 5.49 -1.16 -8.67
C GLY A 189 6.02 -2.53 -9.01
N SER A 190 5.73 -2.95 -10.23
CA SER A 190 6.34 -4.15 -10.80
C SER A 190 7.60 -3.75 -11.56
N VAL A 191 8.58 -4.66 -11.61
CA VAL A 191 9.76 -4.49 -12.44
C VAL A 191 9.82 -5.64 -13.43
N SER A 192 9.96 -5.33 -14.71
CA SER A 192 10.09 -6.35 -15.73
C SER A 192 11.48 -6.28 -16.38
N THR A 193 11.74 -7.22 -17.26
CA THR A 193 12.92 -7.13 -18.10
C THR A 193 12.53 -7.42 -19.55
N SER A 194 13.54 -7.37 -20.42
CA SER A 194 13.43 -7.66 -21.84
C SER A 194 14.44 -8.74 -22.19
N PRO A 195 14.25 -9.42 -23.31
CA PRO A 195 15.33 -10.26 -23.86
C PRO A 195 16.67 -9.51 -23.81
N TYR A 196 17.76 -10.27 -23.54
CA TYR A 196 18.93 -9.76 -22.83
C TYR A 196 19.53 -8.50 -23.45
N TYR A 197 19.91 -8.55 -24.73
CA TYR A 197 20.54 -7.40 -25.37
C TYR A 197 19.56 -6.59 -26.22
N HIS A 198 18.26 -6.63 -25.91
CA HIS A 198 17.24 -5.81 -26.56
C HIS A 198 17.21 -6.01 -28.08
N PRO A 199 17.13 -7.25 -28.58
CA PRO A 199 17.06 -7.48 -30.03
C PRO A 199 15.65 -7.39 -30.58
N LEU A 200 15.54 -7.48 -31.90
CA LEU A 200 14.24 -7.63 -32.57
C LEU A 200 13.92 -9.12 -32.69
N ILE A 201 13.32 -9.68 -31.63
CA ILE A 201 12.93 -11.10 -31.61
C ILE A 201 12.19 -11.55 -32.86
N PRO A 202 11.17 -10.83 -33.37
CA PRO A 202 10.47 -11.35 -34.56
C PRO A 202 11.37 -11.59 -35.77
N ILE A 203 12.38 -10.76 -35.97
CA ILE A 203 13.29 -10.93 -37.10
C ILE A 203 14.28 -12.06 -36.87
N LEU A 204 14.79 -12.20 -35.64
CA LEU A 204 15.61 -13.36 -35.32
C LEU A 204 14.86 -14.65 -35.61
N LEU A 205 13.56 -14.69 -35.29
CA LEU A 205 12.78 -15.91 -35.49
C LEU A 205 12.44 -16.11 -36.97
N ASN A 206 12.06 -15.07 -37.65
CA ASN A 206 11.56 -15.25 -39.00
C ASN A 206 11.65 -13.93 -39.75
N PRO A 207 12.76 -13.68 -40.45
CA PRO A 207 12.90 -12.39 -41.16
C PRO A 207 11.77 -12.09 -42.12
N ASN A 208 11.08 -13.11 -42.66
CA ASN A 208 10.00 -12.84 -43.58
C ASN A 208 8.86 -12.06 -42.94
N CYS A 209 8.84 -11.93 -41.61
CA CYS A 209 7.75 -11.16 -41.01
C CYS A 209 7.80 -9.68 -41.39
N VAL A 210 8.90 -9.20 -41.97
CA VAL A 210 8.94 -7.80 -42.41
C VAL A 210 7.95 -7.56 -43.53
N TYR A 211 7.59 -8.62 -44.27
CA TYR A 211 6.74 -8.44 -45.44
C TYR A 211 5.27 -8.27 -45.07
N GLU A 212 4.89 -8.56 -43.83
CA GLU A 212 3.50 -8.43 -43.44
C GLU A 212 3.03 -6.98 -43.44
N THR A 213 3.93 -6.04 -43.15
CA THR A 213 3.62 -4.62 -43.21
C THR A 213 4.32 -3.87 -44.33
N THR A 214 5.49 -4.31 -44.77
CA THR A 214 6.21 -3.67 -45.87
C THR A 214 6.57 -4.71 -46.92
N PRO A 215 5.59 -5.15 -47.72
CA PRO A 215 5.84 -6.24 -48.67
C PRO A 215 6.89 -5.93 -49.73
N ASN A 216 7.18 -4.67 -50.02
CA ASN A 216 8.08 -4.32 -51.12
C ASN A 216 9.50 -4.01 -50.65
N VAL A 217 9.79 -4.21 -49.36
CA VAL A 217 11.11 -3.94 -48.81
C VAL A 217 12.10 -4.98 -49.29
N LYS A 218 13.37 -4.59 -49.39
CA LYS A 218 14.45 -5.50 -49.75
C LYS A 218 15.29 -5.81 -48.52
N ILE A 219 15.49 -7.10 -48.24
CA ILE A 219 16.32 -7.46 -47.09
C ILE A 219 17.37 -8.47 -47.53
N PRO A 220 18.42 -8.64 -46.74
CA PRO A 220 19.47 -9.59 -47.11
C PRO A 220 18.98 -11.03 -47.07
N ASP A 221 19.84 -11.90 -47.58
CA ASP A 221 19.60 -13.34 -47.57
C ASP A 221 20.01 -13.89 -46.20
N PHE A 222 19.02 -14.31 -45.41
CA PHE A 222 19.26 -14.86 -44.07
C PHE A 222 19.52 -16.35 -44.24
N ALA A 223 20.75 -16.67 -44.61
CA ALA A 223 21.17 -18.04 -44.88
C ALA A 223 21.56 -18.82 -43.63
N VAL A 224 21.36 -18.25 -42.44
CA VAL A 224 21.60 -18.96 -41.19
C VAL A 224 20.42 -18.70 -40.28
N SER A 225 20.29 -19.56 -39.26
CA SER A 225 19.20 -19.45 -38.29
C SER A 225 19.63 -18.62 -37.09
N PHE A 226 18.78 -17.67 -36.70
CA PHE A 226 18.91 -16.95 -35.44
C PHE A 226 17.89 -17.41 -34.42
N ARG A 227 17.21 -18.54 -34.66
CA ARG A 227 16.06 -18.86 -33.80
C ARG A 227 16.50 -19.26 -32.41
N GLU A 228 17.61 -19.99 -32.28
CA GLU A 228 18.00 -20.37 -30.94
C GLU A 228 18.65 -19.19 -30.22
N ASP A 229 19.29 -18.26 -30.96
CA ASP A 229 19.71 -17.01 -30.33
C ASP A 229 18.52 -16.27 -29.74
N ALA A 230 17.41 -16.21 -30.47
CA ALA A 230 16.22 -15.56 -29.91
C ALA A 230 15.82 -16.21 -28.59
N SER A 231 15.88 -17.56 -28.52
CA SER A 231 15.58 -18.21 -27.25
C SER A 231 16.57 -17.82 -26.17
N LYS A 232 17.87 -17.80 -26.51
CA LYS A 232 18.90 -17.51 -25.53
C LYS A 232 18.74 -16.12 -24.93
N HIS A 233 18.42 -15.12 -25.77
CA HIS A 233 18.14 -13.80 -25.22
C HIS A 233 17.07 -13.87 -24.13
N VAL A 234 15.99 -14.60 -24.39
CA VAL A 234 14.90 -14.63 -23.39
C VAL A 234 15.36 -15.40 -22.17
N GLU A 235 16.00 -16.55 -22.40
CA GLU A 235 16.38 -17.42 -21.28
C GLU A 235 17.39 -16.73 -20.36
N LEU A 236 18.40 -16.09 -20.96
CA LEU A 236 19.40 -15.39 -20.16
C LEU A 236 18.79 -14.23 -19.41
N ALA A 237 17.79 -13.55 -19.98
CA ALA A 237 17.16 -12.49 -19.23
C ALA A 237 16.36 -13.03 -18.05
N LYS A 238 15.71 -14.18 -18.22
CA LYS A 238 14.97 -14.76 -17.10
C LYS A 238 15.90 -15.08 -15.93
N GLU A 239 17.08 -15.62 -16.23
CA GLU A 239 18.06 -15.94 -15.20
C GLU A 239 18.55 -14.69 -14.49
N LYS A 240 18.92 -13.66 -15.25
CA LYS A 240 19.36 -12.40 -14.65
C LYS A 240 18.27 -11.80 -13.78
N TYR A 241 17.04 -11.77 -14.30
CA TYR A 241 15.94 -11.21 -13.54
C TYR A 241 15.77 -11.94 -12.21
N PHE A 242 15.69 -13.28 -12.25
CA PHE A 242 15.56 -14.05 -11.02
C PHE A 242 16.66 -13.69 -10.03
N GLU A 243 17.90 -13.60 -10.51
CA GLU A 243 19.01 -13.27 -9.63
C GLU A 243 18.81 -11.91 -8.97
N ILE A 244 18.38 -10.91 -9.75
CA ILE A 244 18.26 -9.56 -9.21
C ILE A 244 17.01 -9.43 -8.33
N PHE A 245 15.88 -9.98 -8.78
CA PHE A 245 14.59 -9.67 -8.18
C PHE A 245 13.88 -10.85 -7.53
N GLY A 246 14.40 -12.07 -7.67
CA GLY A 246 13.83 -13.19 -6.94
C GLY A 246 12.47 -13.67 -7.41
N GLU A 247 12.20 -13.61 -8.71
CA GLU A 247 10.99 -14.20 -9.25
C GLU A 247 11.28 -14.68 -10.67
N HIS A 248 10.52 -15.67 -11.11
CA HIS A 248 10.49 -15.95 -12.52
C HIS A 248 9.68 -14.84 -13.19
N PRO A 249 10.22 -14.17 -14.20
CA PRO A 249 9.45 -13.12 -14.87
C PRO A 249 8.27 -13.72 -15.62
N VAL A 250 7.06 -13.29 -15.26
CA VAL A 250 5.88 -13.67 -16.02
C VAL A 250 5.44 -12.58 -16.98
N TYR A 251 6.04 -11.39 -16.91
CA TYR A 251 5.85 -10.34 -17.89
C TYR A 251 7.20 -9.86 -18.37
N MET A 252 7.25 -9.44 -19.64
CA MET A 252 8.43 -8.85 -20.25
C MET A 252 7.95 -7.74 -21.15
N TRP A 253 8.83 -6.77 -21.36
CA TRP A 253 8.62 -5.75 -22.36
C TRP A 253 9.35 -6.19 -23.63
N PRO A 254 8.64 -6.43 -24.72
CA PRO A 254 9.31 -6.80 -25.97
C PRO A 254 9.97 -5.58 -26.58
N PRO A 255 11.25 -5.67 -26.92
CA PRO A 255 11.98 -4.48 -27.37
C PRO A 255 11.27 -3.84 -28.56
N GLU A 256 11.16 -2.53 -28.55
CA GLU A 256 10.48 -1.75 -29.58
C GLU A 256 9.02 -2.18 -29.73
N ALA A 257 8.45 -2.67 -28.65
CA ALA A 257 7.08 -3.20 -28.66
C ALA A 257 6.91 -4.29 -29.70
N SER A 258 8.00 -4.94 -30.13
CA SER A 258 7.91 -5.73 -31.35
C SER A 258 7.32 -7.10 -31.09
N VAL A 259 6.30 -7.45 -31.85
CA VAL A 259 5.65 -8.74 -31.73
C VAL A 259 5.41 -9.29 -33.12
N SER A 260 5.21 -10.60 -33.15
CA SER A 260 4.79 -11.36 -34.30
C SER A 260 4.12 -12.58 -33.73
N ASN A 261 3.40 -13.33 -34.58
CA ASN A 261 2.83 -14.59 -34.10
C ASN A 261 3.90 -15.50 -33.51
N GLU A 262 5.04 -15.63 -34.18
CA GLU A 262 6.08 -16.52 -33.69
C GLU A 262 6.74 -15.99 -32.43
N ALA A 263 6.94 -14.68 -32.33
CA ALA A 263 7.51 -14.14 -31.10
C ALA A 263 6.55 -14.33 -29.92
N LEU A 264 5.25 -14.12 -30.13
CA LEU A 264 4.30 -14.36 -29.03
C LEU A 264 4.37 -15.80 -28.56
N GLU A 265 4.48 -16.75 -29.50
CA GLU A 265 4.63 -18.16 -29.14
C GLU A 265 5.92 -18.42 -28.37
N LEU A 266 7.02 -17.75 -28.74
CA LEU A 266 8.27 -17.93 -28.01
C LEU A 266 8.13 -17.46 -26.56
N TYR A 267 7.67 -16.22 -26.36
CA TYR A 267 7.46 -15.69 -25.02
C TYR A 267 6.62 -16.66 -24.17
N TYR A 268 5.50 -17.15 -24.71
CA TYR A 268 4.66 -18.08 -23.97
C TYR A 268 5.43 -19.35 -23.62
N GLU A 269 6.18 -19.89 -24.58
CA GLU A 269 6.97 -21.10 -24.34
C GLU A 269 7.99 -20.89 -23.25
N LYS A 270 8.52 -19.69 -23.11
CA LYS A 270 9.48 -19.36 -22.06
C LYS A 270 8.81 -18.94 -20.75
N GLY A 271 7.51 -19.12 -20.63
CA GLY A 271 6.83 -18.85 -19.37
C GLY A 271 6.32 -17.45 -19.18
N ILE A 272 6.33 -16.61 -20.22
CA ILE A 272 5.84 -15.23 -20.10
C ILE A 272 4.32 -15.25 -20.27
N ASN A 273 3.59 -14.75 -19.26
CA ASN A 273 2.12 -14.77 -19.26
C ASN A 273 1.50 -13.49 -19.81
N MET A 274 2.25 -12.40 -19.85
CA MET A 274 1.73 -11.10 -20.23
C MET A 274 2.82 -10.27 -20.85
N LEU A 275 2.46 -9.49 -21.86
CA LEU A 275 3.32 -8.43 -22.33
C LEU A 275 2.45 -7.26 -22.79
N ALA A 276 3.11 -6.17 -23.16
CA ALA A 276 2.44 -5.07 -23.85
C ALA A 276 3.12 -4.86 -25.18
N THR A 277 2.38 -4.23 -26.09
CA THR A 277 2.89 -3.84 -27.40
C THR A 277 2.13 -2.58 -27.82
N ASP A 278 2.16 -2.25 -29.11
CA ASP A 278 1.76 -0.92 -29.56
C ASP A 278 0.36 -0.93 -30.17
N GLU A 279 -0.28 0.23 -30.07
CA GLU A 279 -1.63 0.43 -30.60
C GLU A 279 -1.68 0.30 -32.13
N VAL A 280 -0.64 0.75 -32.84
CA VAL A 280 -0.64 0.61 -34.30
C VAL A 280 -0.68 -0.85 -34.68
N ILE A 281 0.02 -1.69 -33.93
CA ILE A 281 -0.04 -3.12 -34.21
C ILE A 281 -1.45 -3.64 -33.99
N LEU A 282 -2.09 -3.20 -32.90
CA LEU A 282 -3.48 -3.61 -32.66
C LEU A 282 -4.35 -3.25 -33.85
N LYS A 283 -4.23 -2.02 -34.33
CA LYS A 283 -5.10 -1.57 -35.42
C LYS A 283 -4.78 -2.26 -36.73
N ASN A 284 -3.50 -2.60 -36.96
CA ASN A 284 -3.11 -3.36 -38.13
C ASN A 284 -3.61 -4.79 -38.07
N SER A 285 -3.98 -5.29 -36.88
CA SER A 285 -4.26 -6.72 -36.68
C SER A 285 -5.74 -7.05 -36.47
N VAL A 286 -6.52 -6.19 -35.82
CA VAL A 286 -7.92 -6.49 -35.55
C VAL A 286 -8.79 -5.31 -35.95
N GLU A 287 -10.09 -5.61 -36.15
CA GLU A 287 -11.05 -4.63 -36.64
C GLU A 287 -11.55 -3.69 -35.54
N ARG A 288 -12.39 -4.21 -34.64
CA ARG A 288 -12.84 -3.46 -33.46
C ARG A 288 -11.66 -3.39 -32.48
N ALA A 289 -10.78 -2.42 -32.72
CA ALA A 289 -9.48 -2.41 -32.07
C ALA A 289 -9.49 -1.42 -30.91
N SER A 290 -10.15 -1.81 -29.80
CA SER A 290 -10.09 -1.00 -28.59
C SER A 290 -8.81 -1.33 -27.81
N PRO A 291 -7.97 -0.35 -27.49
CA PRO A 291 -6.76 -0.65 -26.71
C PRO A 291 -6.99 -0.66 -25.20
N TYR A 292 -8.24 -0.69 -24.73
CA TYR A 292 -8.50 -0.60 -23.30
C TYR A 292 -8.91 -1.94 -22.70
N LEU A 293 -8.68 -3.01 -23.44
CA LEU A 293 -9.06 -4.36 -23.11
C LEU A 293 -7.79 -5.14 -22.79
N ARG A 294 -7.94 -6.18 -21.99
CA ARG A 294 -6.89 -7.20 -21.86
C ARG A 294 -7.16 -8.22 -22.96
N TYR A 295 -6.18 -8.42 -23.84
CA TYR A 295 -6.33 -9.36 -24.94
C TYR A 295 -5.66 -10.67 -24.56
N TYR A 296 -6.21 -11.78 -25.07
CA TYR A 296 -5.59 -13.09 -24.92
C TYR A 296 -5.20 -13.59 -26.31
N PHE A 297 -3.90 -13.66 -26.58
CA PHE A 297 -3.43 -14.15 -27.86
C PHE A 297 -3.52 -15.67 -27.89
N ARG A 298 -4.45 -16.17 -28.71
CA ARG A 298 -4.71 -17.61 -28.86
C ARG A 298 -4.98 -18.27 -27.52
N GLU A 299 -5.60 -17.52 -26.61
CA GLU A 299 -5.91 -17.96 -25.24
C GLU A 299 -4.66 -18.43 -24.48
N LEU A 300 -3.46 -17.97 -24.87
CA LEU A 300 -2.20 -18.46 -24.31
C LEU A 300 -1.37 -17.42 -23.55
N ILE A 301 -1.39 -16.16 -23.96
CA ILE A 301 -0.59 -15.13 -23.30
C ILE A 301 -1.39 -13.85 -23.35
N SER A 302 -1.37 -13.08 -22.25
CA SER A 302 -2.12 -11.84 -22.18
C SER A 302 -1.33 -10.72 -22.85
N VAL A 303 -2.04 -9.86 -23.57
CA VAL A 303 -1.43 -8.80 -24.35
C VAL A 303 -2.21 -7.52 -24.10
N PHE A 304 -1.53 -6.49 -23.61
CA PHE A 304 -2.10 -5.14 -23.56
C PHE A 304 -1.48 -4.31 -24.67
N PHE A 305 -2.27 -3.39 -25.23
CA PHE A 305 -1.80 -2.47 -26.27
C PHE A 305 -1.73 -1.07 -25.66
N ARG A 306 -0.56 -0.45 -25.70
CA ARG A 306 -0.43 0.85 -25.06
C ARG A 306 -1.27 1.92 -25.77
N ASP A 307 -1.68 2.93 -25.01
CA ASP A 307 -2.35 4.10 -25.58
C ASP A 307 -1.25 4.97 -26.20
N LYS A 308 -1.16 4.92 -27.52
CA LYS A 308 -0.04 5.55 -28.20
C LYS A 308 -0.09 7.07 -28.06
N THR A 309 -1.28 7.66 -28.10
CA THR A 309 -1.39 9.12 -27.99
C THR A 309 -0.86 9.62 -26.65
N LEU A 310 -1.43 9.10 -25.55
CA LEU A 310 -0.95 9.47 -24.22
C LEU A 310 0.54 9.18 -24.06
N SER A 311 0.99 8.03 -24.57
CA SER A 311 2.41 7.72 -24.45
C SER A 311 3.24 8.74 -25.23
N ASP A 312 2.80 9.12 -26.44
CA ASP A 312 3.53 10.09 -27.25
C ASP A 312 3.45 11.51 -26.68
N LEU A 313 2.36 11.86 -26.00
CA LEU A 313 2.24 13.19 -25.42
C LEU A 313 3.35 13.45 -24.41
N ILE A 314 3.53 12.52 -23.49
CA ILE A 314 4.62 12.61 -22.50
C ILE A 314 5.97 12.57 -23.21
N GLY A 315 6.12 11.63 -24.16
CA GLY A 315 7.42 11.45 -24.81
C GLY A 315 7.87 12.60 -25.70
N PHE A 316 6.95 13.31 -26.33
CA PHE A 316 7.32 14.18 -27.44
C PHE A 316 6.72 15.58 -27.38
N SER A 317 5.67 15.80 -26.61
CA SER A 317 4.97 17.08 -26.72
C SER A 317 4.96 17.89 -25.44
N TYR A 318 4.69 17.24 -24.29
CA TYR A 318 4.47 17.97 -23.05
C TYR A 318 5.72 18.66 -22.53
N HIS A 319 6.92 18.31 -23.04
CA HIS A 319 8.13 19.03 -22.63
C HIS A 319 8.00 20.52 -22.83
N ALA A 320 7.24 20.95 -23.83
CA ALA A 320 7.16 22.37 -24.15
C ALA A 320 5.97 23.06 -23.48
N TRP A 321 5.12 22.30 -22.78
CA TRP A 321 3.96 22.85 -22.14
C TRP A 321 4.27 23.23 -20.70
N ASN A 322 3.50 24.15 -20.19
CA ASN A 322 3.63 24.36 -18.77
C ASN A 322 3.04 23.15 -18.03
N ALA A 323 3.53 22.89 -16.81
CA ALA A 323 3.19 21.62 -16.15
C ALA A 323 1.69 21.51 -15.82
N GLU A 324 1.07 22.59 -15.33
CA GLU A 324 -0.37 22.55 -15.02
C GLU A 324 -1.21 22.21 -16.27
N ASP A 325 -0.92 22.86 -17.40
CA ASP A 325 -1.68 22.59 -18.61
C ASP A 325 -1.49 21.14 -19.07
N ALA A 326 -0.26 20.63 -19.05
CA ALA A 326 -0.03 19.26 -19.52
C ALA A 326 -0.80 18.27 -18.66
N VAL A 327 -0.78 18.44 -17.34
CA VAL A 327 -1.50 17.52 -16.46
C VAL A 327 -3.01 17.65 -16.65
N ARG A 328 -3.53 18.87 -16.78
CA ARG A 328 -4.97 19.01 -17.05
C ARG A 328 -5.35 18.30 -18.34
N ASP A 329 -4.54 18.46 -19.39
CA ASP A 329 -4.78 17.79 -20.67
C ASP A 329 -4.76 16.27 -20.51
N PHE A 330 -3.76 15.74 -19.79
CA PHE A 330 -3.68 14.29 -19.55
C PHE A 330 -4.89 13.76 -18.81
N ILE A 331 -5.21 14.39 -17.67
CA ILE A 331 -6.38 13.97 -16.89
C ILE A 331 -7.67 14.12 -17.71
N GLY A 332 -7.78 15.21 -18.46
CA GLY A 332 -8.94 15.37 -19.33
C GLY A 332 -9.06 14.28 -20.37
N ARG A 333 -7.92 13.78 -20.86
CA ARG A 333 -8.02 12.67 -21.81
C ARG A 333 -8.40 11.37 -21.12
N LEU A 334 -7.97 11.17 -19.88
CA LEU A 334 -8.44 9.99 -19.17
C LEU A 334 -9.93 10.09 -18.88
N LYS A 335 -10.40 11.28 -18.53
CA LYS A 335 -11.84 11.49 -18.33
C LYS A 335 -12.64 11.12 -19.57
N LYS A 336 -12.14 11.49 -20.75
CA LYS A 336 -12.84 11.17 -21.99
C LYS A 336 -12.90 9.67 -22.21
N ILE A 337 -11.77 8.98 -22.02
CA ILE A 337 -11.78 7.52 -22.07
C ILE A 337 -12.82 6.97 -21.11
N HIS A 338 -12.76 7.43 -19.85
CA HIS A 338 -13.61 6.88 -18.80
C HIS A 338 -15.09 6.99 -19.17
N GLU A 339 -15.50 8.15 -19.69
CA GLU A 339 -16.89 8.38 -20.04
C GLU A 339 -17.30 7.70 -21.35
N SER A 340 -16.36 7.27 -22.17
CA SER A 340 -16.71 6.73 -23.47
C SER A 340 -17.01 5.23 -23.49
N VAL A 341 -16.89 4.52 -22.36
CA VAL A 341 -17.04 3.06 -22.37
C VAL A 341 -17.87 2.59 -21.19
N ASP A 342 -18.53 1.43 -21.39
CA ASP A 342 -19.38 0.84 -20.35
C ASP A 342 -18.56 0.24 -19.22
N PHE A 343 -17.43 -0.35 -19.56
CA PHE A 343 -16.67 -1.19 -18.66
C PHE A 343 -15.54 -0.37 -18.00
N GLN A 344 -14.68 -1.05 -17.25
CA GLN A 344 -13.57 -0.36 -16.62
C GLN A 344 -12.38 -0.45 -17.57
N PRO A 345 -11.98 0.65 -18.21
CA PRO A 345 -10.93 0.57 -19.24
C PRO A 345 -9.55 0.44 -18.61
N VAL A 346 -8.66 -0.27 -19.32
CA VAL A 346 -7.27 -0.42 -18.89
C VAL A 346 -6.39 0.39 -19.85
N VAL A 347 -5.68 1.37 -19.31
CA VAL A 347 -4.90 2.33 -20.10
C VAL A 347 -3.43 2.12 -19.81
N PHE A 348 -2.71 1.54 -20.77
CA PHE A 348 -1.26 1.40 -20.66
C PHE A 348 -0.57 2.61 -21.26
N VAL A 349 0.27 3.24 -20.46
CA VAL A 349 1.14 4.34 -20.87
C VAL A 349 2.55 3.78 -20.82
N VAL A 350 3.14 3.49 -21.99
CA VAL A 350 4.44 2.81 -22.09
C VAL A 350 5.34 3.64 -23.01
N LEU A 351 6.50 4.04 -22.48
CA LEU A 351 7.51 4.77 -23.23
C LEU A 351 8.84 4.66 -22.51
N ASN A 352 9.88 5.13 -23.15
CA ASN A 352 11.15 5.16 -22.49
C ASN A 352 11.09 6.02 -21.24
N GLY A 353 11.72 5.62 -20.18
CA GLY A 353 11.71 6.35 -18.94
C GLY A 353 12.84 7.32 -18.72
N GLU A 354 13.81 7.47 -19.64
CA GLU A 354 14.96 8.31 -19.35
C GLU A 354 15.26 9.35 -20.40
N ASN A 355 14.59 9.32 -21.56
CA ASN A 355 15.03 10.12 -22.68
C ASN A 355 14.28 11.43 -22.83
N CYS A 356 13.07 11.55 -22.26
CA CYS A 356 12.28 12.73 -22.57
C CYS A 356 12.51 13.87 -21.59
N TRP A 357 12.92 13.55 -20.36
CA TRP A 357 12.93 14.54 -19.30
C TRP A 357 13.90 15.66 -19.54
N GLU A 358 14.97 15.41 -20.31
CA GLU A 358 15.98 16.43 -20.50
C GLU A 358 15.46 17.61 -21.30
N TYR A 359 14.33 17.46 -21.99
CA TYR A 359 13.71 18.54 -22.74
C TYR A 359 12.65 19.30 -21.95
N TYR A 360 12.28 18.82 -20.75
CA TYR A 360 11.31 19.50 -19.90
C TYR A 360 12.03 20.53 -19.02
N GLU A 361 11.32 21.60 -18.68
CA GLU A 361 11.84 22.51 -17.68
C GLU A 361 12.15 21.74 -16.40
N GLU A 362 13.31 22.00 -15.82
CA GLU A 362 13.72 21.37 -14.57
C GLU A 362 13.68 19.84 -14.63
N ASN A 363 14.04 19.28 -15.79
CA ASN A 363 14.24 17.85 -15.93
C ASN A 363 12.96 17.07 -15.63
N GLY A 364 11.80 17.68 -15.91
CA GLY A 364 10.54 16.98 -15.78
C GLY A 364 9.96 16.95 -14.39
N ILE A 365 10.66 17.50 -13.40
CA ILE A 365 10.27 17.37 -11.99
C ILE A 365 8.96 18.13 -11.71
N PRO A 366 8.78 19.38 -12.17
CA PRO A 366 7.45 20.01 -12.04
C PRO A 366 6.32 19.22 -12.67
N PHE A 367 6.56 18.65 -13.86
CA PHE A 367 5.54 17.89 -14.54
C PHE A 367 5.19 16.60 -13.78
N LEU A 368 6.20 15.77 -13.49
CA LEU A 368 5.93 14.49 -12.84
C LEU A 368 5.40 14.66 -11.43
N GLU A 369 5.92 15.62 -10.66
CA GLU A 369 5.34 15.86 -9.33
C GLU A 369 3.88 16.32 -9.42
N LYS A 370 3.55 17.19 -10.37
CA LYS A 370 2.15 17.61 -10.51
C LYS A 370 1.27 16.45 -10.99
N LEU A 371 1.77 15.65 -11.93
CA LEU A 371 1.03 14.50 -12.44
C LEU A 371 0.77 13.48 -11.35
N TYR A 372 1.81 13.06 -10.64
CA TYR A 372 1.63 12.02 -9.64
C TYR A 372 0.82 12.54 -8.47
N SER A 373 1.02 13.81 -8.11
CA SER A 373 0.23 14.42 -7.05
C SER A 373 -1.26 14.44 -7.40
N THR A 374 -1.58 14.72 -8.66
CA THR A 374 -2.95 14.82 -9.12
C THR A 374 -3.60 13.44 -9.21
N LEU A 375 -2.88 12.46 -9.77
CA LEU A 375 -3.38 11.08 -9.82
C LEU A 375 -3.74 10.57 -8.43
N GLU A 376 -2.90 10.88 -7.43
CA GLU A 376 -3.17 10.44 -6.05
C GLU A 376 -4.58 10.83 -5.58
N LYS A 377 -5.18 11.87 -6.15
CA LYS A 377 -6.44 12.39 -5.64
C LYS A 377 -7.62 12.15 -6.56
N GLU A 378 -7.47 11.45 -7.67
CA GLU A 378 -8.61 11.14 -8.53
C GLU A 378 -9.13 9.77 -8.14
N GLU A 379 -10.28 9.74 -7.46
CA GLU A 379 -10.83 8.50 -6.91
C GLU A 379 -11.20 7.51 -8.01
N TRP A 380 -11.50 8.02 -9.20
CA TRP A 380 -11.99 7.22 -10.30
C TRP A 380 -10.87 6.68 -11.17
N ILE A 381 -9.60 7.01 -10.85
CA ILE A 381 -8.42 6.44 -11.49
C ILE A 381 -7.71 5.58 -10.46
N GLU A 382 -7.43 4.33 -10.79
CA GLU A 382 -6.63 3.45 -9.95
C GLU A 382 -5.38 3.09 -10.75
N THR A 383 -4.20 3.56 -10.32
CA THR A 383 -2.97 3.07 -10.95
C THR A 383 -2.70 1.64 -10.49
N LEU A 384 -2.22 0.81 -11.41
CA LEU A 384 -1.98 -0.61 -11.14
C LEU A 384 -0.52 -0.98 -11.35
N THR A 385 -0.06 -2.00 -10.60
CA THR A 385 1.17 -2.69 -10.97
C THR A 385 0.88 -3.61 -12.17
N LEU A 386 1.95 -4.13 -12.80
CA LEU A 386 1.74 -5.10 -13.88
C LEU A 386 1.07 -6.36 -13.36
N GLU A 387 1.45 -6.80 -12.17
CA GLU A 387 0.84 -7.99 -11.60
C GLU A 387 -0.66 -7.77 -11.42
N GLU A 388 -1.07 -6.58 -10.92
CA GLU A 388 -2.49 -6.32 -10.74
C GLU A 388 -3.22 -6.26 -12.07
N ALA A 389 -2.63 -5.66 -13.10
CA ALA A 389 -3.28 -5.54 -14.40
C ALA A 389 -3.43 -6.90 -15.07
N MET A 390 -2.46 -7.78 -14.85
CA MET A 390 -2.53 -9.13 -15.39
C MET A 390 -3.65 -9.92 -14.77
N ARG A 391 -3.97 -9.66 -13.49
CA ARG A 391 -4.93 -10.50 -12.78
C ARG A 391 -6.28 -9.86 -12.55
N LYS A 392 -6.41 -8.54 -12.74
CA LYS A 392 -7.66 -7.84 -12.41
C LYS A 392 -8.84 -8.52 -13.07
N GLU A 393 -9.84 -8.90 -12.27
CA GLU A 393 -10.95 -9.67 -12.81
C GLU A 393 -11.98 -8.80 -13.50
N ASP A 394 -12.16 -7.57 -13.04
CA ASP A 394 -13.28 -6.74 -13.48
C ASP A 394 -12.93 -5.88 -14.70
N VAL A 395 -12.20 -6.43 -15.66
CA VAL A 395 -11.86 -5.73 -16.89
C VAL A 395 -12.45 -6.49 -18.06
N LYS A 396 -12.59 -5.80 -19.20
CA LYS A 396 -13.12 -6.45 -20.38
C LYS A 396 -11.98 -7.13 -21.14
N THR A 397 -12.26 -8.31 -21.70
CA THR A 397 -11.24 -9.10 -22.37
C THR A 397 -11.70 -9.45 -23.78
N GLU A 398 -10.76 -9.92 -24.61
CA GLU A 398 -11.06 -10.35 -25.96
C GLU A 398 -9.97 -11.31 -26.40
N VAL A 399 -10.35 -12.37 -27.16
CA VAL A 399 -9.36 -13.28 -27.73
C VAL A 399 -8.95 -12.76 -29.10
N ILE A 400 -7.67 -12.86 -29.39
CA ILE A 400 -7.11 -12.44 -30.67
C ILE A 400 -6.28 -13.61 -31.21
N GLU A 401 -6.43 -13.88 -32.51
CA GLU A 401 -5.83 -15.09 -33.07
C GLU A 401 -4.57 -14.81 -33.89
N SER A 402 -4.33 -13.57 -34.30
CA SER A 402 -3.20 -13.28 -35.16
C SER A 402 -2.82 -11.81 -35.04
N VAL A 403 -1.52 -11.52 -35.08
CA VAL A 403 -1.04 -10.14 -35.10
C VAL A 403 -0.25 -9.94 -36.39
N LYS A 404 -0.31 -8.74 -36.92
CA LYS A 404 0.57 -8.33 -38.00
C LYS A 404 1.89 -7.85 -37.40
N ALA A 405 3.00 -8.49 -37.76
CA ALA A 405 4.29 -8.21 -37.14
C ALA A 405 4.67 -6.75 -37.35
N GLY A 406 5.18 -6.13 -36.28
CA GLY A 406 5.71 -4.79 -36.42
C GLY A 406 6.34 -4.33 -35.12
N THR A 407 6.50 -3.02 -35.00
CA THR A 407 7.09 -2.39 -33.84
C THR A 407 6.30 -1.12 -33.54
N TRP A 408 6.67 -0.41 -32.48
CA TRP A 408 5.98 0.85 -32.23
C TRP A 408 6.48 1.98 -33.11
N PHE A 409 7.42 1.73 -34.03
CA PHE A 409 7.75 2.73 -35.03
C PHE A 409 6.92 2.41 -36.27
N ASP A 410 5.81 3.12 -36.43
CA ASP A 410 4.91 3.03 -37.58
C ASP A 410 4.38 1.64 -37.83
N GLY A 411 4.47 0.74 -36.85
CA GLY A 411 4.01 -0.62 -37.08
C GLY A 411 4.87 -1.49 -37.97
N ASN A 412 6.14 -1.12 -38.23
CA ASN A 412 6.96 -1.89 -39.17
C ASN A 412 8.42 -1.91 -38.71
N PHE A 413 9.30 -2.53 -39.49
CA PHE A 413 10.68 -2.75 -39.07
C PHE A 413 11.70 -1.85 -39.77
N LEU A 414 11.24 -0.80 -40.46
CA LEU A 414 12.11 -0.02 -41.35
C LEU A 414 13.13 0.82 -40.60
N LYS A 415 12.96 1.01 -39.30
CA LYS A 415 14.01 1.67 -38.54
C LYS A 415 15.25 0.80 -38.37
N TRP A 416 15.16 -0.51 -38.62
CA TRP A 416 16.26 -1.44 -38.34
C TRP A 416 16.71 -2.26 -39.55
N ILE A 417 15.95 -2.25 -40.65
CA ILE A 417 16.25 -3.12 -41.78
C ILE A 417 15.57 -2.51 -42.99
N GLY A 418 16.07 -2.85 -44.18
CA GLY A 418 15.38 -2.47 -45.40
C GLY A 418 15.98 -1.34 -46.19
N ASN A 419 17.08 -0.75 -45.75
CA ASN A 419 17.84 0.08 -46.68
C ASN A 419 19.28 -0.39 -46.70
N LYS A 420 20.06 0.18 -47.62
CA LYS A 420 21.34 -0.42 -47.96
C LYS A 420 22.26 -0.49 -46.75
N GLU A 421 22.32 0.57 -45.95
CA GLU A 421 23.24 0.59 -44.81
C GLU A 421 22.77 -0.34 -43.71
N LYS A 422 21.50 -0.23 -43.32
CA LYS A 422 20.97 -1.14 -42.31
C LYS A 422 21.10 -2.59 -42.75
N ASN A 423 20.81 -2.86 -44.03
CA ASN A 423 20.99 -4.21 -44.59
C ASN A 423 22.43 -4.68 -44.49
N GLU A 424 23.40 -3.78 -44.70
CA GLU A 424 24.81 -4.15 -44.57
C GLU A 424 25.14 -4.65 -43.17
N TYR A 425 24.54 -4.05 -42.13
CA TYR A 425 24.75 -4.59 -40.79
C TYR A 425 24.18 -5.99 -40.65
N TRP A 426 22.99 -6.24 -41.21
CA TRP A 426 22.45 -7.57 -41.11
C TRP A 426 23.33 -8.56 -41.84
N LYS A 427 23.90 -8.14 -42.98
CA LYS A 427 24.79 -9.03 -43.73
C LYS A 427 26.04 -9.36 -42.94
N ILE A 428 26.63 -8.36 -42.29
CA ILE A 428 27.78 -8.58 -41.41
C ILE A 428 27.41 -9.58 -40.32
N LEU A 429 26.24 -9.37 -39.69
CA LEU A 429 25.82 -10.26 -38.62
C LEU A 429 25.58 -11.67 -39.13
N ILE A 430 24.95 -11.81 -40.30
CA ILE A 430 24.68 -13.12 -40.87
C ILE A 430 25.99 -13.87 -41.12
N GLU A 431 26.97 -13.18 -41.69
CA GLU A 431 28.25 -13.81 -41.97
C GLU A 431 28.99 -14.16 -40.67
N ALA A 432 28.93 -13.27 -39.68
CA ALA A 432 29.60 -13.54 -38.41
C ALA A 432 28.92 -14.66 -37.64
N LYS A 433 27.58 -14.74 -37.72
CA LYS A 433 26.84 -15.83 -37.08
C LYS A 433 27.30 -17.20 -37.57
N LYS A 434 27.78 -17.29 -38.81
CA LYS A 434 28.24 -18.57 -39.34
C LYS A 434 29.51 -19.03 -38.62
N LYS A 435 30.27 -18.12 -38.03
CA LYS A 435 31.54 -18.44 -37.40
C LYS A 435 31.58 -18.04 -35.93
N ALA A 436 30.43 -17.77 -35.31
CA ALA A 436 30.45 -17.27 -33.94
C ALA A 436 30.86 -18.34 -32.94
N LYS A 437 31.67 -17.95 -31.95
CA LYS A 437 32.15 -18.88 -30.94
C LYS A 437 31.68 -18.57 -29.53
N ASN A 438 31.02 -17.42 -29.31
CA ASN A 438 30.67 -17.02 -27.95
C ASN A 438 29.51 -16.02 -28.01
N ASP A 439 29.04 -15.64 -26.83
CA ASP A 439 27.82 -14.84 -26.71
C ASP A 439 28.00 -13.39 -27.14
N TYR A 440 29.15 -12.97 -27.63
CA TYR A 440 29.22 -11.61 -28.15
C TYR A 440 28.39 -11.45 -29.40
N ILE A 441 28.05 -12.57 -30.06
CA ILE A 441 27.12 -12.51 -31.16
C ILE A 441 25.74 -12.07 -30.65
N LEU A 442 25.40 -12.39 -29.40
CA LEU A 442 24.15 -11.88 -28.84
C LEU A 442 24.18 -10.36 -28.70
N VAL A 443 25.31 -9.82 -28.25
CA VAL A 443 25.46 -8.38 -28.07
C VAL A 443 25.22 -7.66 -29.38
N ALA A 444 25.78 -8.20 -30.48
CA ALA A 444 25.68 -7.62 -31.80
C ALA A 444 24.28 -7.69 -32.38
N GLU A 445 23.38 -8.48 -31.78
CA GLU A 445 21.99 -8.56 -32.21
C GLU A 445 21.11 -7.51 -31.54
N GLY A 446 21.67 -6.66 -30.68
CA GLY A 446 20.87 -5.61 -30.06
C GLY A 446 20.36 -4.63 -31.10
N SER A 447 19.13 -4.14 -30.87
CA SER A 447 18.45 -3.31 -31.87
C SER A 447 19.19 -1.99 -32.10
N ASP A 448 19.90 -1.48 -31.10
CA ASP A 448 20.45 -0.12 -31.18
C ASP A 448 21.43 0.04 -32.34
N TRP A 449 22.29 -0.96 -32.57
CA TRP A 449 23.28 -0.80 -33.63
C TRP A 449 22.59 -0.54 -34.96
N PHE A 450 21.49 -1.25 -35.23
CA PHE A 450 20.77 -1.11 -36.49
C PHE A 450 19.97 0.19 -36.53
N TRP A 451 19.47 0.63 -35.37
CA TRP A 451 18.75 1.89 -35.28
C TRP A 451 19.59 3.05 -35.83
N TRP A 452 20.84 3.17 -35.37
CA TRP A 452 21.69 4.32 -35.72
C TRP A 452 22.30 4.20 -37.10
N GLN A 453 22.42 2.98 -37.61
CA GLN A 453 23.10 2.77 -38.89
C GLN A 453 22.27 3.36 -40.02
N GLY A 454 22.95 3.96 -41.00
CA GLY A 454 22.25 4.47 -42.16
C GLY A 454 21.27 5.59 -41.87
N GLU A 455 21.65 6.49 -40.97
CA GLU A 455 20.90 7.70 -40.69
C GLU A 455 21.81 8.89 -40.97
N GLU A 456 21.22 10.09 -40.96
CA GLU A 456 22.02 11.28 -41.13
C GLU A 456 23.04 11.38 -40.01
N LYS A 457 24.27 11.76 -40.38
CA LYS A 457 25.44 11.60 -39.53
C LYS A 457 25.40 12.60 -38.36
N ALA A 458 25.00 12.11 -37.19
CA ALA A 458 24.97 12.84 -35.93
C ALA A 458 26.27 12.60 -35.16
N PRO A 459 26.62 13.47 -34.20
CA PRO A 459 27.86 13.25 -33.43
C PRO A 459 27.82 11.90 -32.72
N PHE A 460 29.00 11.26 -32.65
CA PHE A 460 29.24 9.99 -31.97
C PHE A 460 28.58 8.78 -32.63
N VAL A 461 27.85 8.96 -33.73
CA VAL A 461 27.32 7.83 -34.50
C VAL A 461 28.41 6.83 -34.88
N GLU A 462 29.63 7.30 -35.18
CA GLU A 462 30.75 6.41 -35.49
C GLU A 462 31.12 5.53 -34.31
N VAL A 463 30.79 5.93 -33.07
CA VAL A 463 31.07 5.11 -31.91
C VAL A 463 30.18 3.88 -31.89
N PHE A 464 28.89 4.05 -32.17
CA PHE A 464 28.00 2.88 -32.25
C PHE A 464 28.49 1.91 -33.30
N ASP A 465 28.98 2.42 -34.41
CA ASP A 465 29.48 1.54 -35.44
C ASP A 465 30.74 0.82 -34.98
N LYS A 466 31.61 1.52 -34.23
CA LYS A 466 32.83 0.87 -33.75
C LYS A 466 32.48 -0.23 -32.75
N LEU A 467 31.55 0.04 -31.85
CA LEU A 467 31.15 -1.00 -30.90
C LEU A 467 30.56 -2.21 -31.62
N PHE A 468 29.60 -1.97 -32.53
CA PHE A 468 28.97 -3.08 -33.24
C PHE A 468 30.01 -3.99 -33.87
N ARG A 469 30.90 -3.41 -34.63
CA ARG A 469 31.88 -4.22 -35.33
C ARG A 469 32.86 -4.86 -34.38
N SER A 470 33.12 -4.25 -33.22
CA SER A 470 34.00 -4.90 -32.26
C SER A 470 33.37 -6.14 -31.66
N PHE A 471 32.08 -6.05 -31.32
CA PHE A 471 31.36 -7.23 -30.81
C PHE A 471 31.28 -8.32 -31.87
N VAL A 472 31.05 -7.92 -33.13
CA VAL A 472 31.01 -8.91 -34.21
C VAL A 472 32.37 -9.57 -34.35
N ARG A 473 33.44 -8.78 -34.27
CA ARG A 473 34.78 -9.36 -34.38
C ARG A 473 35.05 -10.29 -33.20
N ARG A 474 34.74 -9.84 -31.99
CA ARG A 474 35.03 -10.62 -30.78
C ARG A 474 34.21 -11.90 -30.75
N ALA A 475 33.02 -11.87 -31.33
CA ALA A 475 32.15 -13.04 -31.33
C ALA A 475 32.79 -14.22 -32.05
N GLN A 476 33.66 -13.95 -33.02
CA GLN A 476 34.21 -15.00 -33.87
C GLN A 476 35.52 -15.57 -33.35
N GLU A 477 35.96 -15.18 -32.15
CA GLU A 477 37.27 -15.61 -31.67
C GLU A 477 37.19 -16.52 -30.46
N LYS B 2 16.29 4.74 11.20
CA LYS B 2 15.34 5.48 12.06
C LYS B 2 13.89 5.09 11.76
N LYS B 3 13.28 4.36 12.67
CA LYS B 3 11.98 3.78 12.45
C LYS B 3 10.90 4.57 13.19
N LEU B 4 9.69 4.52 12.65
CA LEU B 4 8.51 4.91 13.38
C LEU B 4 7.89 3.64 13.97
N PHE B 5 7.60 3.64 15.27
CA PHE B 5 7.07 2.44 15.94
C PHE B 5 5.56 2.55 16.06
N LEU B 6 4.82 1.65 15.41
CA LEU B 6 3.37 1.73 15.33
C LEU B 6 2.73 0.60 16.13
N VAL B 7 1.78 0.95 16.98
CA VAL B 7 1.23 0.01 17.95
C VAL B 7 -0.28 0.10 17.85
N PHE B 8 -0.91 -0.87 17.16
CA PHE B 8 -2.37 -0.99 17.21
C PHE B 8 -2.78 -1.71 18.49
N TRP B 9 -3.86 -1.21 19.10
CA TRP B 9 -4.41 -1.86 20.29
C TRP B 9 -5.93 -1.80 20.14
N TRP B 10 -6.52 -2.94 19.76
CA TRP B 10 -7.93 -3.05 19.41
C TRP B 10 -8.68 -3.53 20.65
N HIS B 11 -9.60 -2.72 21.14
CA HIS B 11 -10.31 -2.99 22.38
C HIS B 11 -11.64 -3.68 22.07
N MET B 12 -11.86 -4.85 22.70
CA MET B 12 -13.03 -5.70 22.45
C MET B 12 -13.81 -5.84 23.74
N HIS B 13 -15.10 -5.52 23.69
CA HIS B 13 -15.92 -5.53 24.91
C HIS B 13 -17.39 -5.65 24.55
N GLN B 14 -18.15 -6.43 25.35
CA GLN B 14 -19.60 -6.32 25.40
C GLN B 14 -20.02 -6.42 26.86
N PRO B 15 -21.02 -5.65 27.29
CA PRO B 15 -21.59 -5.85 28.63
C PRO B 15 -22.38 -7.16 28.68
N LEU B 16 -22.72 -7.60 29.91
CA LEU B 16 -23.40 -8.88 30.09
C LEU B 16 -24.85 -8.78 29.61
N TYR B 17 -25.20 -9.44 28.48
CA TYR B 17 -26.57 -9.47 27.99
C TYR B 17 -27.41 -10.59 28.58
N ARG B 18 -26.81 -11.48 29.37
CA ARG B 18 -27.47 -12.60 30.01
C ARG B 18 -28.30 -12.16 31.22
N GLU B 19 -29.62 -12.15 31.06
CA GLU B 19 -30.55 -11.84 32.15
C GLU B 19 -30.44 -12.90 33.25
N PRO B 20 -30.24 -12.51 34.51
CA PRO B 20 -29.83 -13.49 35.52
C PRO B 20 -30.93 -14.40 36.03
N TYR B 21 -32.19 -13.99 35.93
CA TYR B 21 -33.29 -14.84 36.38
C TYR B 21 -33.64 -15.91 35.34
N THR B 22 -33.66 -15.55 34.05
CA THR B 22 -34.04 -16.52 33.03
C THR B 22 -32.85 -17.09 32.27
N GLY B 23 -31.67 -16.48 32.36
CA GLY B 23 -30.52 -16.96 31.63
C GLY B 23 -30.51 -16.61 30.16
N GLU B 24 -31.46 -15.78 29.72
CA GLU B 24 -31.57 -15.42 28.31
C GLU B 24 -30.66 -14.24 27.99
N TYR B 25 -29.95 -14.36 26.87
CA TYR B 25 -29.25 -13.24 26.24
C TYR B 25 -30.29 -12.35 25.56
N LEU B 26 -30.48 -11.13 26.07
CA LEU B 26 -31.59 -10.31 25.66
C LEU B 26 -31.28 -9.49 24.42
N LEU B 27 -30.02 -9.38 24.07
CA LEU B 27 -29.58 -8.71 22.87
C LEU B 27 -28.57 -9.63 22.20
N PRO B 28 -28.51 -9.64 20.87
CA PRO B 28 -27.60 -10.54 20.17
C PRO B 28 -26.23 -9.97 19.87
N TRP B 29 -25.84 -8.85 20.48
CA TRP B 29 -24.68 -8.13 19.97
C TRP B 29 -23.39 -8.89 20.21
N THR B 30 -23.33 -9.71 21.26
CA THR B 30 -22.13 -10.52 21.45
C THR B 30 -22.02 -11.55 20.34
N PHE B 31 -23.12 -12.24 20.04
CA PHE B 31 -23.09 -13.17 18.91
C PHE B 31 -22.67 -12.46 17.62
N PHE B 32 -23.30 -11.34 17.27
CA PHE B 32 -23.01 -10.76 15.96
C PHE B 32 -21.60 -10.19 15.87
N HIS B 33 -21.10 -9.55 16.94
CA HIS B 33 -19.73 -9.08 16.87
C HIS B 33 -18.75 -10.25 16.99
N ALA B 34 -19.12 -11.36 17.64
CA ALA B 34 -18.22 -12.52 17.63
C ALA B 34 -18.07 -13.09 16.21
N VAL B 35 -19.17 -13.28 15.48
CA VAL B 35 -19.01 -13.85 14.16
C VAL B 35 -18.46 -12.85 13.15
N LYS B 36 -18.62 -11.54 13.37
CA LYS B 36 -18.10 -10.57 12.40
C LYS B 36 -16.68 -10.10 12.72
N ASP B 37 -16.34 -9.80 14.00
CA ASP B 37 -15.12 -9.08 14.36
C ASP B 37 -14.19 -9.81 15.33
N TYR B 38 -14.71 -10.52 16.35
CA TYR B 38 -13.81 -10.95 17.42
C TYR B 38 -12.88 -12.08 16.96
N TYR B 39 -13.32 -12.94 16.05
CA TYR B 39 -12.37 -13.87 15.43
C TYR B 39 -11.58 -13.21 14.31
N ASP B 40 -12.26 -12.41 13.48
CA ASP B 40 -11.63 -12.02 12.23
C ASP B 40 -10.58 -10.93 12.43
N MET B 41 -10.72 -10.09 13.46
CA MET B 41 -9.71 -9.05 13.66
C MET B 41 -8.34 -9.64 13.95
N PRO B 42 -8.18 -10.54 14.92
CA PRO B 42 -6.88 -11.23 15.06
C PRO B 42 -6.56 -12.13 13.89
N ALA B 43 -7.55 -12.72 13.22
CA ALA B 43 -7.25 -13.61 12.10
C ALA B 43 -6.54 -12.89 10.94
N TYR B 44 -6.60 -11.56 10.86
CA TYR B 44 -5.77 -10.87 9.86
C TYR B 44 -4.30 -11.23 10.02
N LEU B 45 -3.85 -11.49 11.27
CA LEU B 45 -2.45 -11.86 11.52
C LEU B 45 -2.04 -13.16 10.83
N LYS B 46 -3.01 -13.97 10.35
CA LYS B 46 -2.65 -15.15 9.55
C LYS B 46 -2.12 -14.76 8.19
N ASP B 47 -2.56 -13.63 7.66
CA ASP B 47 -2.27 -13.24 6.28
C ASP B 47 -1.28 -12.11 6.14
N PHE B 48 -1.08 -11.31 7.20
CA PHE B 48 -0.24 -10.13 7.11
C PHE B 48 0.83 -10.21 8.17
N GLU B 49 2.08 -10.00 7.75
CA GLU B 49 3.26 -10.10 8.61
C GLU B 49 3.47 -8.77 9.34
N ILE B 50 2.54 -8.47 10.24
CA ILE B 50 2.63 -7.33 11.13
C ILE B 50 2.31 -7.81 12.55
N LYS B 51 2.39 -6.87 13.49
CA LYS B 51 1.95 -7.06 14.87
C LYS B 51 0.68 -6.27 15.12
N LEU B 52 -0.25 -6.89 15.86
CA LEU B 52 -1.52 -6.29 16.25
C LEU B 52 -1.87 -6.74 17.67
N ASN B 53 -2.30 -5.81 18.54
CA ASN B 53 -2.56 -6.12 19.92
C ASN B 53 -4.05 -5.97 20.20
N PHE B 54 -4.52 -6.71 21.19
CA PHE B 54 -5.96 -6.79 21.46
C PHE B 54 -6.18 -6.68 22.95
N ASN B 55 -7.28 -6.02 23.31
CA ASN B 55 -7.82 -6.07 24.65
C ASN B 55 -9.10 -6.88 24.62
N LEU B 56 -9.25 -7.79 25.59
CA LEU B 56 -10.50 -8.54 25.77
C LEU B 56 -10.98 -8.38 27.20
N THR B 57 -12.18 -7.80 27.39
CA THR B 57 -12.70 -7.69 28.75
C THR B 57 -13.15 -9.08 29.23
N PRO B 58 -12.99 -9.36 30.52
CA PRO B 58 -13.38 -10.69 31.02
C PRO B 58 -14.86 -11.00 30.82
N VAL B 59 -15.74 -9.99 30.95
CA VAL B 59 -17.16 -10.27 30.75
C VAL B 59 -17.42 -10.62 29.30
N LEU B 60 -16.67 -10.04 28.36
CA LEU B 60 -16.83 -10.50 26.98
C LEU B 60 -16.37 -11.95 26.84
N ILE B 61 -15.19 -12.27 27.37
CA ILE B 61 -14.71 -13.64 27.27
C ILE B 61 -15.74 -14.61 27.83
N ASP B 62 -16.31 -14.29 28.99
CA ASP B 62 -17.35 -15.15 29.56
C ASP B 62 -18.44 -15.44 28.54
N GLN B 63 -18.87 -14.42 27.80
CA GLN B 63 -19.99 -14.64 26.91
C GLN B 63 -19.57 -15.42 25.68
N ILE B 64 -18.40 -15.10 25.11
CA ILE B 64 -17.91 -15.90 23.99
C ILE B 64 -17.88 -17.37 24.37
N GLN B 65 -17.43 -17.67 25.60
CA GLN B 65 -17.36 -19.06 26.03
C GLN B 65 -18.74 -19.71 26.08
N GLU B 66 -19.76 -18.97 26.55
CA GLU B 66 -21.10 -19.56 26.65
C GLU B 66 -21.68 -19.84 25.27
N TYR B 67 -21.44 -18.94 24.32
CA TYR B 67 -21.88 -19.21 22.95
C TYR B 67 -21.14 -20.41 22.35
N ALA B 68 -19.83 -20.49 22.57
CA ALA B 68 -19.02 -21.55 21.97
C ALA B 68 -19.39 -22.92 22.54
N GLN B 69 -19.79 -22.96 23.79
CA GLN B 69 -20.19 -24.21 24.43
C GLN B 69 -21.62 -24.60 24.12
N GLY B 70 -22.35 -23.78 23.36
CA GLY B 70 -23.74 -24.06 23.08
C GLY B 70 -24.71 -23.76 24.21
N LYS B 71 -24.31 -23.00 25.22
CA LYS B 71 -25.18 -22.77 26.38
C LYS B 71 -25.94 -21.45 26.33
N ALA B 72 -25.68 -20.61 25.34
CA ALA B 72 -26.25 -19.27 25.33
C ALA B 72 -27.64 -19.31 24.74
N LYS B 73 -28.64 -18.90 25.53
CA LYS B 73 -30.03 -18.78 25.07
C LYS B 73 -30.24 -17.37 24.55
N ASP B 74 -30.12 -17.18 23.24
CA ASP B 74 -30.16 -15.83 22.64
C ASP B 74 -31.52 -15.65 21.97
N VAL B 75 -32.34 -14.73 22.49
CA VAL B 75 -33.74 -14.67 22.05
C VAL B 75 -33.84 -14.15 20.63
N PHE B 76 -33.01 -13.16 20.27
CA PHE B 76 -33.05 -12.69 18.90
C PHE B 76 -32.51 -13.74 17.94
N LEU B 77 -31.51 -14.49 18.37
CA LEU B 77 -30.99 -15.56 17.51
C LEU B 77 -32.01 -16.68 17.32
N GLU B 78 -32.82 -16.94 18.35
CA GLU B 78 -33.88 -17.94 18.18
C GLU B 78 -34.89 -17.48 17.15
N ALA B 79 -35.13 -16.17 17.05
CA ALA B 79 -36.05 -15.65 16.04
C ALA B 79 -35.47 -15.80 14.63
N ILE B 80 -34.14 -15.76 14.50
CA ILE B 80 -33.52 -15.97 13.19
C ILE B 80 -33.58 -17.43 12.82
N ARG B 81 -33.33 -18.32 13.79
CA ARG B 81 -33.15 -19.74 13.50
C ARG B 81 -34.46 -20.40 13.07
N LYS B 82 -35.57 -20.05 13.73
CA LYS B 82 -36.85 -20.72 13.53
C LYS B 82 -37.30 -20.66 12.08
N ASP B 83 -37.99 -21.72 11.66
CA ASP B 83 -38.79 -21.63 10.46
C ASP B 83 -39.81 -20.51 10.63
N PRO B 84 -40.00 -19.67 9.61
CA PRO B 84 -40.91 -18.52 9.77
C PRO B 84 -42.32 -18.90 10.17
N ASP B 85 -42.79 -20.11 9.81
CA ASP B 85 -44.12 -20.55 10.24
C ASP B 85 -44.21 -20.74 11.76
N ASP B 86 -43.07 -20.89 12.42
CA ASP B 86 -43.01 -21.04 13.86
C ASP B 86 -42.76 -19.73 14.59
N LEU B 87 -42.61 -18.61 13.86
CA LEU B 87 -42.31 -17.34 14.54
C LEU B 87 -43.54 -16.84 15.30
N GLU B 88 -43.31 -16.40 16.54
CA GLU B 88 -44.30 -15.63 17.27
C GLU B 88 -44.48 -14.26 16.63
N LYS B 89 -45.67 -13.70 16.80
CA LYS B 89 -45.88 -12.32 16.40
C LYS B 89 -44.85 -11.39 17.03
N GLU B 90 -44.55 -11.59 18.32
CA GLU B 90 -43.51 -10.79 18.98
C GLU B 90 -42.16 -10.94 18.28
N GLU B 91 -41.87 -12.14 17.75
CA GLU B 91 -40.55 -12.33 17.13
C GLU B 91 -40.45 -11.68 15.77
N VAL B 92 -41.55 -11.68 15.01
CA VAL B 92 -41.57 -10.97 13.75
C VAL B 92 -41.31 -9.48 13.99
N GLU B 93 -41.95 -8.91 14.99
CA GLU B 93 -41.75 -7.50 15.31
C GLU B 93 -40.30 -7.21 15.66
N LYS B 94 -39.69 -8.05 16.51
CA LYS B 94 -38.29 -7.81 16.89
C LYS B 94 -37.35 -7.93 15.68
N LEU B 95 -37.62 -8.90 14.80
CA LEU B 95 -36.82 -9.03 13.58
C LEU B 95 -36.96 -7.79 12.70
N ILE B 96 -38.17 -7.24 12.60
CA ILE B 96 -38.36 -6.07 11.74
C ILE B 96 -37.71 -4.83 12.38
N GLU B 97 -37.92 -4.64 13.69
CA GLU B 97 -37.25 -3.57 14.42
C GLU B 97 -35.73 -3.67 14.33
N PHE B 98 -35.18 -4.87 14.49
CA PHE B 98 -33.75 -5.06 14.35
C PHE B 98 -33.26 -4.70 12.95
N THR B 99 -34.04 -5.04 11.92
CA THR B 99 -33.63 -4.69 10.56
C THR B 99 -33.60 -3.17 10.39
N LYS B 100 -34.64 -2.49 10.91
CA LYS B 100 -34.78 -1.05 10.75
C LYS B 100 -33.64 -0.32 11.44
N LEU B 101 -33.21 -0.86 12.59
CA LEU B 101 -32.08 -0.26 13.29
C LEU B 101 -30.83 -0.27 12.43
N ASN B 102 -30.65 -1.31 11.63
CA ASN B 102 -29.40 -1.57 10.94
C ASN B 102 -29.45 -1.23 9.45
N TYR B 103 -30.63 -0.80 8.98
CA TYR B 103 -31.00 -0.77 7.56
C TYR B 103 -30.04 0.09 6.73
N GLU B 104 -29.56 1.18 7.29
CA GLU B 104 -28.74 2.13 6.56
C GLU B 104 -27.26 1.79 6.59
N LYS B 105 -26.86 0.76 7.32
CA LYS B 105 -25.44 0.44 7.39
C LYS B 105 -24.97 -0.16 6.08
N PRO B 106 -23.76 0.17 5.65
CA PRO B 106 -23.17 -0.49 4.47
C PRO B 106 -23.26 -2.01 4.50
N ILE B 107 -23.01 -2.65 5.66
CA ILE B 107 -23.04 -4.10 5.68
C ILE B 107 -24.42 -4.66 5.45
N TYR B 108 -25.46 -3.84 5.58
CA TYR B 108 -26.83 -4.22 5.22
C TYR B 108 -27.23 -3.82 3.81
N ARG B 109 -26.28 -3.46 2.95
CA ARG B 109 -26.63 -3.00 1.60
C ARG B 109 -26.98 -4.20 0.71
N PHE B 110 -28.19 -4.72 0.91
CA PHE B 110 -28.80 -5.69 0.02
C PHE B 110 -30.08 -5.09 -0.55
N GLU B 111 -30.21 -5.11 -1.88
CA GLU B 111 -31.43 -4.62 -2.51
C GLU B 111 -32.66 -5.35 -1.97
N ARG B 112 -32.51 -6.64 -1.64
CA ARG B 112 -33.64 -7.42 -1.14
C ARG B 112 -34.15 -6.87 0.20
N ILE B 113 -33.24 -6.43 1.07
CA ILE B 113 -33.65 -5.80 2.32
C ILE B 113 -34.48 -4.57 2.06
N ARG B 114 -34.14 -3.80 1.02
CA ARG B 114 -34.96 -2.65 0.67
C ARG B 114 -36.34 -3.07 0.18
N GLU B 115 -36.42 -4.14 -0.62
CA GLU B 115 -37.73 -4.62 -1.06
C GLU B 115 -38.59 -5.05 0.14
N LEU B 116 -37.99 -5.81 1.06
CA LEU B 116 -38.76 -6.40 2.15
C LEU B 116 -39.29 -5.36 3.12
N MET B 117 -38.49 -4.34 3.43
CA MET B 117 -38.95 -3.30 4.35
C MET B 117 -40.06 -2.45 3.76
N ASN B 118 -40.16 -2.38 2.45
CA ASN B 118 -41.19 -1.60 1.77
C ASN B 118 -42.42 -2.42 1.45
N LYS B 119 -42.51 -3.65 1.94
CA LYS B 119 -43.70 -4.49 1.80
C LYS B 119 -44.59 -4.32 3.02
N GLU B 120 -45.90 -4.43 2.79
CA GLU B 120 -46.85 -4.25 3.88
C GLU B 120 -46.79 -5.43 4.84
N LYS B 121 -46.92 -6.66 4.33
CA LYS B 121 -46.79 -7.87 5.12
C LYS B 121 -45.86 -8.83 4.39
N LEU B 122 -45.19 -9.70 5.14
CA LEU B 122 -44.23 -10.64 4.58
C LEU B 122 -44.75 -12.06 4.72
N ASN B 123 -44.62 -12.85 3.64
CA ASN B 123 -44.95 -14.27 3.67
C ASN B 123 -43.74 -15.07 4.17
N ARG B 124 -43.83 -16.40 4.12
CA ARG B 124 -42.77 -17.24 4.68
C ARG B 124 -41.45 -17.04 3.94
N GLU B 125 -41.49 -16.96 2.62
CA GLU B 125 -40.25 -16.88 1.87
C GLU B 125 -39.59 -15.52 2.07
N GLU B 126 -40.41 -14.48 2.24
CA GLU B 126 -39.86 -13.16 2.50
C GLU B 126 -39.26 -13.09 3.91
N LEU B 127 -39.92 -13.72 4.89
CA LEU B 127 -39.36 -13.76 6.24
C LEU B 127 -38.05 -14.55 6.28
N LEU B 128 -37.96 -15.66 5.52
CA LEU B 128 -36.70 -16.39 5.43
C LEU B 128 -35.58 -15.49 4.89
N ASP B 129 -35.88 -14.65 3.90
CA ASP B 129 -34.86 -13.74 3.40
C ASP B 129 -34.49 -12.72 4.45
N LEU B 130 -35.48 -12.18 5.16
CA LEU B 130 -35.18 -11.22 6.22
C LEU B 130 -34.31 -11.84 7.31
N GLN B 131 -34.66 -13.06 7.73
CA GLN B 131 -33.84 -13.75 8.73
C GLN B 131 -32.42 -13.97 8.22
N THR B 132 -32.29 -14.51 7.01
CA THR B 132 -30.98 -14.93 6.56
C THR B 132 -30.10 -13.73 6.20
N LEU B 133 -30.71 -12.70 5.61
CA LEU B 133 -29.94 -11.51 5.28
C LEU B 133 -29.46 -10.79 6.54
N ASN B 134 -30.29 -10.78 7.61
CA ASN B 134 -29.79 -10.25 8.88
C ASN B 134 -28.56 -11.03 9.34
N LEU B 135 -28.59 -12.36 9.21
CA LEU B 135 -27.42 -13.19 9.54
C LEU B 135 -26.24 -12.83 8.67
N LEU B 136 -26.46 -12.82 7.36
CA LEU B 136 -25.36 -12.67 6.42
C LEU B 136 -24.74 -11.27 6.48
N ALA B 137 -25.54 -10.27 6.85
CA ALA B 137 -25.05 -8.90 7.01
C ALA B 137 -23.87 -8.84 7.97
N TRP B 138 -23.82 -9.74 8.96
CA TRP B 138 -22.77 -9.72 9.96
C TRP B 138 -21.67 -10.72 9.67
N CYS B 139 -21.59 -11.18 8.42
CA CYS B 139 -20.59 -12.16 8.05
C CYS B 139 -19.19 -11.53 8.13
N GLY B 140 -18.26 -12.26 8.73
CA GLY B 140 -16.90 -11.75 8.89
C GLY B 140 -16.06 -12.08 7.67
N ARG B 141 -14.82 -11.59 7.68
CA ARG B 141 -13.95 -11.70 6.51
C ARG B 141 -13.71 -13.15 6.10
N THR B 142 -13.38 -14.01 7.06
CA THR B 142 -13.08 -15.42 6.75
C THR B 142 -14.24 -16.08 6.02
N LEU B 143 -15.46 -15.95 6.54
CA LEU B 143 -16.54 -16.64 5.89
C LEU B 143 -17.11 -15.87 4.71
N ARG B 144 -16.83 -14.57 4.60
CA ARG B 144 -17.17 -13.86 3.36
C ARG B 144 -16.49 -14.50 2.16
N LYS B 145 -15.33 -15.10 2.40
CA LYS B 145 -14.70 -15.89 1.36
C LYS B 145 -15.40 -17.25 1.19
N ASP B 146 -15.55 -18.01 2.28
CA ASP B 146 -16.13 -19.35 2.20
C ASP B 146 -17.59 -19.35 1.75
N LEU B 147 -18.35 -18.30 2.08
CA LEU B 147 -19.78 -18.22 1.82
C LEU B 147 -20.10 -17.25 0.69
N LYS B 148 -19.10 -16.94 -0.15
CA LYS B 148 -19.28 -16.00 -1.26
C LYS B 148 -20.53 -16.30 -2.08
N ASP B 149 -20.81 -17.58 -2.37
CA ASP B 149 -21.95 -17.93 -3.22
C ASP B 149 -23.27 -17.45 -2.62
N LEU B 150 -23.51 -17.75 -1.34
CA LEU B 150 -24.78 -17.37 -0.70
C LEU B 150 -24.92 -15.87 -0.53
N LEU B 151 -23.81 -15.17 -0.28
CA LEU B 151 -23.85 -13.73 -0.06
C LEU B 151 -24.26 -12.99 -1.32
N ASN B 152 -23.70 -13.36 -2.48
CA ASN B 152 -24.03 -12.68 -3.72
C ASN B 152 -25.41 -13.03 -4.23
N LYS B 153 -25.92 -14.19 -3.86
CA LYS B 153 -27.32 -14.53 -4.07
C LYS B 153 -28.23 -13.37 -3.65
N GLY B 154 -28.13 -12.94 -2.39
CA GLY B 154 -28.83 -11.77 -1.92
C GLY B 154 -30.33 -11.91 -1.76
N ARG B 155 -30.91 -13.08 -2.01
CA ARG B 155 -32.36 -13.26 -1.95
C ARG B 155 -32.65 -14.76 -2.05
N ASN B 156 -33.93 -15.10 -1.88
CA ASN B 156 -34.45 -16.47 -2.05
C ASN B 156 -33.66 -17.50 -1.26
N TYR B 157 -33.45 -17.23 0.03
CA TYR B 157 -32.77 -18.18 0.89
C TYR B 157 -33.73 -19.25 1.38
N THR B 158 -33.18 -20.44 1.63
CA THR B 158 -33.97 -21.53 2.17
C THR B 158 -33.60 -21.72 3.62
N GLN B 159 -34.44 -22.51 4.32
CA GLN B 159 -34.16 -22.80 5.71
C GLN B 159 -32.84 -23.54 5.84
N GLU B 160 -32.53 -24.40 4.87
CA GLU B 160 -31.30 -25.19 4.97
C GLU B 160 -30.07 -24.31 4.79
N GLU B 161 -30.13 -23.34 3.87
CA GLU B 161 -29.05 -22.38 3.70
C GLU B 161 -28.82 -21.58 4.97
N LYS B 162 -29.90 -21.12 5.59
CA LYS B 162 -29.77 -20.36 6.81
C LYS B 162 -29.07 -21.18 7.88
N GLU B 163 -29.47 -22.44 8.03
CA GLU B 163 -28.92 -23.30 9.06
C GLU B 163 -27.45 -23.60 8.77
N TYR B 164 -27.11 -23.73 7.51
CA TYR B 164 -25.70 -23.90 7.15
C TYR B 164 -24.89 -22.69 7.54
N VAL B 165 -25.41 -21.49 7.29
CA VAL B 165 -24.74 -20.26 7.71
C VAL B 165 -24.58 -20.23 9.22
N LEU B 166 -25.66 -20.55 9.95
CA LEU B 166 -25.56 -20.55 11.41
C LEU B 166 -24.47 -21.50 11.89
N ASN B 167 -24.40 -22.68 11.27
CA ASN B 167 -23.40 -23.66 11.71
C ASN B 167 -21.98 -23.16 11.48
N LYS B 168 -21.72 -22.55 10.33
CA LYS B 168 -20.39 -21.98 10.07
C LYS B 168 -20.11 -20.84 11.05
N TYR B 169 -21.14 -20.06 11.41
CA TYR B 169 -20.94 -18.97 12.37
C TYR B 169 -20.52 -19.51 13.73
N PHE B 170 -21.18 -20.57 14.19
CA PHE B 170 -20.78 -21.15 15.47
C PHE B 170 -19.38 -21.76 15.43
N GLU B 171 -18.93 -22.24 14.26
CA GLU B 171 -17.56 -22.72 14.15
C GLU B 171 -16.57 -21.58 14.34
N ILE B 172 -16.94 -20.38 13.85
CA ILE B 172 -16.08 -19.23 14.07
C ILE B 172 -15.99 -18.94 15.55
N ILE B 173 -17.15 -18.89 16.23
CA ILE B 173 -17.14 -18.60 17.66
C ILE B 173 -16.28 -19.62 18.41
N LYS B 174 -16.40 -20.90 18.05
CA LYS B 174 -15.65 -21.92 18.76
C LYS B 174 -14.14 -21.79 18.57
N LYS B 175 -13.67 -21.10 17.53
CA LYS B 175 -12.25 -20.95 17.28
C LYS B 175 -11.71 -19.64 17.85
N THR B 176 -12.54 -18.86 18.53
CA THR B 176 -12.18 -17.47 18.79
C THR B 176 -11.11 -17.34 19.87
N LEU B 177 -11.29 -17.98 21.01
CA LEU B 177 -10.25 -17.89 22.03
C LEU B 177 -8.95 -18.56 21.57
N SER B 178 -9.05 -19.62 20.77
CA SER B 178 -7.86 -20.25 20.22
C SER B 178 -7.04 -19.30 19.34
N ILE B 179 -7.68 -18.39 18.61
CA ILE B 179 -6.84 -17.56 17.75
C ILE B 179 -6.08 -16.53 18.57
N TYR B 180 -6.68 -16.01 19.66
CA TYR B 180 -5.93 -15.11 20.55
C TYR B 180 -4.77 -15.82 21.25
N ARG B 181 -4.98 -17.08 21.67
CA ARG B 181 -3.87 -17.82 22.27
C ARG B 181 -2.75 -18.01 21.26
N GLU B 182 -3.12 -18.26 20.00
CA GLU B 182 -2.15 -18.57 18.96
C GLU B 182 -1.34 -17.34 18.60
N ILE B 183 -1.99 -16.20 18.34
CA ILE B 183 -1.23 -15.05 17.92
C ILE B 183 -0.35 -14.55 19.07
N LYS B 184 -0.78 -14.78 20.31
CA LYS B 184 0.04 -14.40 21.44
C LYS B 184 1.29 -15.28 21.54
N GLU B 185 1.11 -16.59 21.42
CA GLU B 185 2.23 -17.51 21.53
C GLU B 185 3.20 -17.38 20.36
N GLU B 186 2.71 -17.01 19.18
CA GLU B 186 3.60 -16.76 18.04
C GLU B 186 4.29 -15.40 18.09
N GLY B 187 4.02 -14.59 19.10
CA GLY B 187 4.59 -13.26 19.16
C GLY B 187 3.98 -12.29 18.17
N LYS B 188 2.82 -12.59 17.62
CA LYS B 188 2.25 -11.71 16.62
C LYS B 188 1.42 -10.61 17.25
N GLY B 189 1.13 -10.73 18.54
CA GLY B 189 0.51 -9.64 19.25
C GLY B 189 0.44 -9.97 20.72
N SER B 190 0.23 -8.92 21.51
CA SER B 190 -0.03 -9.04 22.92
C SER B 190 -1.54 -8.97 23.12
N VAL B 191 -2.00 -9.63 24.17
CA VAL B 191 -3.40 -9.59 24.58
C VAL B 191 -3.45 -9.06 26.00
N SER B 192 -4.23 -8.01 26.19
CA SER B 192 -4.47 -7.42 27.50
C SER B 192 -5.90 -7.69 27.94
N THR B 193 -6.24 -7.20 29.11
CA THR B 193 -7.59 -7.30 29.61
C THR B 193 -7.88 -6.03 30.39
N SER B 194 -9.13 -5.88 30.82
CA SER B 194 -9.55 -4.72 31.57
C SER B 194 -10.16 -5.21 32.86
N PRO B 195 -10.31 -4.32 33.86
CA PRO B 195 -11.14 -4.67 35.03
C PRO B 195 -12.47 -5.28 34.59
N TYR B 196 -12.95 -6.25 35.38
CA TYR B 196 -13.75 -7.37 34.90
C TYR B 196 -14.93 -6.93 34.06
N TYR B 197 -15.79 -6.08 34.62
CA TYR B 197 -17.02 -5.67 33.98
C TYR B 197 -16.90 -4.29 33.37
N HIS B 198 -15.66 -3.87 33.03
CA HIS B 198 -15.47 -2.57 32.35
C HIS B 198 -16.08 -1.41 33.12
N PRO B 199 -15.84 -1.28 34.42
CA PRO B 199 -16.33 -0.12 35.18
C PRO B 199 -15.45 1.11 34.99
N LEU B 200 -15.93 2.24 35.53
CA LEU B 200 -15.10 3.45 35.62
C LEU B 200 -14.33 3.42 36.94
N ILE B 201 -13.13 2.85 36.89
CA ILE B 201 -12.31 2.66 38.09
C ILE B 201 -12.09 3.97 38.85
N PRO B 202 -11.71 5.10 38.19
CA PRO B 202 -11.52 6.35 38.94
C PRO B 202 -12.74 6.77 39.76
N ILE B 203 -13.95 6.51 39.26
CA ILE B 203 -15.13 6.89 40.03
C ILE B 203 -15.36 5.94 41.18
N LEU B 204 -15.18 4.61 40.96
CA LEU B 204 -15.33 3.69 42.09
C LEU B 204 -14.34 4.01 43.22
N LEU B 205 -13.12 4.43 42.87
CA LEU B 205 -12.13 4.76 43.90
C LEU B 205 -12.43 6.08 44.58
N ASN B 206 -12.92 7.08 43.84
CA ASN B 206 -13.09 8.44 44.37
C ASN B 206 -14.01 9.23 43.46
N PRO B 207 -15.32 9.25 43.72
CA PRO B 207 -16.25 9.96 42.83
C PRO B 207 -15.94 11.43 42.68
N ASN B 208 -15.25 12.04 43.66
CA ASN B 208 -14.89 13.45 43.57
C ASN B 208 -13.94 13.75 42.43
N CYS B 209 -13.30 12.72 41.86
CA CYS B 209 -12.39 12.99 40.75
C CYS B 209 -13.09 13.59 39.53
N VAL B 210 -14.43 13.47 39.44
CA VAL B 210 -15.16 14.13 38.33
C VAL B 210 -14.97 15.64 38.37
N TYR B 211 -14.77 16.22 39.55
CA TYR B 211 -14.64 17.67 39.66
C TYR B 211 -13.29 18.17 39.17
N GLU B 212 -12.35 17.29 38.86
CA GLU B 212 -11.09 17.73 38.28
C GLU B 212 -11.27 18.32 36.89
N THR B 213 -12.31 17.93 36.17
CA THR B 213 -12.54 18.47 34.84
C THR B 213 -13.86 19.16 34.65
N THR B 214 -14.89 18.80 35.42
CA THR B 214 -16.21 19.42 35.33
C THR B 214 -16.68 19.78 36.72
N PRO B 215 -16.25 20.93 37.25
CA PRO B 215 -16.59 21.27 38.64
C PRO B 215 -18.05 21.61 38.87
N ASN B 216 -18.81 21.92 37.82
CA ASN B 216 -20.19 22.37 38.03
C ASN B 216 -21.20 21.23 38.07
N VAL B 217 -20.74 19.99 37.95
CA VAL B 217 -21.64 18.85 37.76
C VAL B 217 -22.21 18.40 39.10
N LYS B 218 -23.48 17.98 39.10
CA LYS B 218 -24.10 17.36 40.28
C LYS B 218 -23.90 15.85 40.23
N ILE B 219 -23.50 15.27 41.36
CA ILE B 219 -23.44 13.82 41.51
C ILE B 219 -24.22 13.43 42.75
N PRO B 220 -24.66 12.19 42.82
CA PRO B 220 -25.41 11.76 43.99
C PRO B 220 -24.51 11.57 45.21
N ASP B 221 -25.14 11.25 46.33
CA ASP B 221 -24.48 11.05 47.61
C ASP B 221 -23.89 9.65 47.65
N PHE B 222 -22.58 9.53 47.47
CA PHE B 222 -21.94 8.20 47.48
C PHE B 222 -21.79 7.76 48.93
N ALA B 223 -22.89 7.25 49.47
CA ALA B 223 -22.93 6.91 50.90
C ALA B 223 -22.31 5.54 51.20
N VAL B 224 -21.72 4.89 50.20
CA VAL B 224 -21.03 3.61 50.37
C VAL B 224 -19.70 3.74 49.64
N SER B 225 -18.75 2.91 50.06
CA SER B 225 -17.45 2.88 49.41
C SER B 225 -17.47 1.84 48.30
N PHE B 226 -17.02 2.24 47.10
CA PHE B 226 -16.81 1.28 46.01
C PHE B 226 -15.34 0.91 45.86
N ARG B 227 -14.49 1.27 46.83
CA ARG B 227 -13.05 1.12 46.63
C ARG B 227 -12.64 -0.35 46.59
N GLU B 228 -13.25 -1.18 47.43
CA GLU B 228 -12.91 -2.60 47.43
C GLU B 228 -13.42 -3.29 46.15
N ASP B 229 -14.56 -2.84 45.65
CA ASP B 229 -15.05 -3.35 44.37
C ASP B 229 -14.10 -3.01 43.23
N ALA B 230 -13.52 -1.79 43.25
CA ALA B 230 -12.55 -1.44 42.21
C ALA B 230 -11.38 -2.43 42.19
N SER B 231 -10.86 -2.76 43.38
CA SER B 231 -9.81 -3.76 43.46
C SER B 231 -10.29 -5.12 42.97
N LYS B 232 -11.53 -5.50 43.27
CA LYS B 232 -12.05 -6.81 42.86
C LYS B 232 -12.20 -6.92 41.35
N HIS B 233 -12.69 -5.87 40.69
CA HIS B 233 -12.73 -5.89 39.21
C HIS B 233 -11.33 -6.17 38.65
N VAL B 234 -10.30 -5.53 39.21
CA VAL B 234 -8.95 -5.73 38.67
C VAL B 234 -8.47 -7.15 38.97
N GLU B 235 -8.66 -7.60 40.21
CA GLU B 235 -8.17 -8.93 40.60
C GLU B 235 -8.88 -10.03 39.85
N LEU B 236 -10.21 -9.95 39.76
CA LEU B 236 -10.95 -11.00 39.04
C LEU B 236 -10.59 -11.02 37.57
N ALA B 237 -10.22 -9.87 37.01
CA ALA B 237 -9.79 -9.85 35.61
C ALA B 237 -8.45 -10.55 35.45
N LYS B 238 -7.53 -10.33 36.41
CA LYS B 238 -6.27 -11.06 36.40
C LYS B 238 -6.51 -12.56 36.43
N GLU B 239 -7.52 -13.00 37.19
CA GLU B 239 -7.78 -14.43 37.33
C GLU B 239 -8.38 -15.03 36.08
N LYS B 240 -9.30 -14.31 35.43
CA LYS B 240 -9.90 -14.80 34.20
C LYS B 240 -8.87 -14.85 33.07
N TYR B 241 -8.02 -13.85 32.98
CA TYR B 241 -6.93 -13.85 32.00
C TYR B 241 -5.97 -15.00 32.28
N PHE B 242 -5.59 -15.17 33.55
CA PHE B 242 -4.76 -16.30 33.94
C PHE B 242 -5.37 -17.63 33.52
N GLU B 243 -6.71 -17.73 33.57
CA GLU B 243 -7.34 -19.00 33.25
C GLU B 243 -7.37 -19.25 31.74
N ILE B 244 -7.51 -18.18 30.93
CA ILE B 244 -7.54 -18.33 29.48
C ILE B 244 -6.14 -18.49 28.89
N PHE B 245 -5.16 -17.72 29.35
CA PHE B 245 -3.85 -17.66 28.72
C PHE B 245 -2.74 -18.24 29.58
N GLY B 246 -3.01 -18.55 30.85
CA GLY B 246 -2.01 -19.24 31.65
C GLY B 246 -0.99 -18.34 32.29
N GLU B 247 -1.11 -17.02 32.12
CA GLU B 247 -0.21 -16.04 32.71
C GLU B 247 -1.04 -14.92 33.34
N HIS B 248 -0.43 -14.22 34.29
CA HIS B 248 -1.09 -13.01 34.76
C HIS B 248 -0.86 -11.88 33.75
N PRO B 249 -1.87 -11.05 33.48
CA PRO B 249 -1.66 -9.94 32.54
C PRO B 249 -0.82 -8.84 33.16
N VAL B 250 0.13 -8.30 32.39
CA VAL B 250 0.90 -7.15 32.84
C VAL B 250 0.54 -5.89 32.07
N TYR B 251 -0.38 -5.96 31.13
CA TYR B 251 -0.93 -4.81 30.45
C TYR B 251 -2.42 -4.80 30.63
N MET B 252 -2.98 -3.65 30.78
CA MET B 252 -4.38 -3.46 30.86
C MET B 252 -4.83 -2.21 30.14
N TRP B 253 -6.01 -2.30 29.58
CA TRP B 253 -6.68 -1.21 28.97
C TRP B 253 -7.66 -0.71 30.00
N PRO B 254 -7.39 0.57 30.48
CA PRO B 254 -8.36 1.08 31.41
C PRO B 254 -9.62 1.47 30.66
N PRO B 255 -10.77 0.92 31.20
CA PRO B 255 -12.01 1.24 30.50
C PRO B 255 -12.24 2.73 30.23
N GLU B 256 -12.67 3.03 29.04
CA GLU B 256 -12.86 4.38 28.59
C GLU B 256 -11.54 5.21 28.67
N ALA B 257 -10.43 4.55 28.63
CA ALA B 257 -9.13 5.16 28.77
C ALA B 257 -9.06 5.92 30.11
N SER B 258 -9.90 5.62 31.03
CA SER B 258 -10.04 6.35 32.26
C SER B 258 -8.99 6.15 33.25
N VAL B 259 -8.35 7.21 33.63
CA VAL B 259 -7.35 7.17 34.64
C VAL B 259 -7.47 8.35 35.62
N SER B 260 -6.74 8.25 36.71
CA SER B 260 -6.66 9.26 37.77
C SER B 260 -5.45 8.83 38.58
N ASN B 261 -4.97 9.73 39.43
CA ASN B 261 -3.82 9.38 40.26
C ASN B 261 -4.09 8.13 41.10
N GLU B 262 -5.29 8.05 41.70
CA GLU B 262 -5.61 6.89 42.54
C GLU B 262 -5.76 5.61 41.73
N ALA B 263 -6.35 5.71 40.54
CA ALA B 263 -6.50 4.53 39.68
C ALA B 263 -5.15 4.03 39.19
N LEU B 264 -4.24 4.94 38.90
CA LEU B 264 -2.92 4.53 38.49
C LEU B 264 -2.19 3.76 39.58
N GLU B 265 -2.32 4.25 40.79
CA GLU B 265 -1.76 3.60 41.89
C GLU B 265 -2.34 2.22 42.10
N LEU B 266 -3.63 2.08 41.92
CA LEU B 266 -4.25 0.77 42.09
C LEU B 266 -3.76 -0.20 41.04
N TYR B 267 -3.71 0.22 39.79
CA TYR B 267 -3.14 -0.63 38.73
C TYR B 267 -1.71 -1.03 39.07
N TYR B 268 -0.92 -0.07 39.56
CA TYR B 268 0.44 -0.38 39.98
C TYR B 268 0.45 -1.43 41.08
N GLU B 269 -0.38 -1.24 42.10
CA GLU B 269 -0.41 -2.16 43.24
C GLU B 269 -0.85 -3.56 42.84
N LYS B 270 -1.65 -3.68 41.79
CA LYS B 270 -2.09 -4.98 41.30
C LYS B 270 -1.14 -5.59 40.27
N GLY B 271 0.05 -5.02 40.08
CA GLY B 271 1.03 -5.65 39.25
C GLY B 271 0.92 -5.35 37.77
N ILE B 272 0.17 -4.32 37.39
CA ILE B 272 0.07 -3.91 35.99
C ILE B 272 1.31 -3.08 35.66
N ASN B 273 1.99 -3.43 34.58
CA ASN B 273 3.22 -2.72 34.24
C ASN B 273 3.01 -1.63 33.22
N MET B 274 1.97 -1.73 32.38
CA MET B 274 1.76 -0.68 31.40
C MET B 274 0.27 -0.57 31.07
N LEU B 275 -0.17 0.65 30.84
CA LEU B 275 -1.49 0.88 30.30
C LEU B 275 -1.36 1.99 29.28
N ALA B 276 -2.42 2.23 28.54
CA ALA B 276 -2.49 3.41 27.69
C ALA B 276 -3.70 4.22 28.11
N THR B 277 -3.69 5.49 27.75
CA THR B 277 -4.87 6.37 27.95
C THR B 277 -4.87 7.36 26.79
N ASP B 278 -5.67 8.41 26.91
CA ASP B 278 -5.97 9.31 25.80
C ASP B 278 -5.10 10.57 25.82
N GLU B 279 -4.83 11.08 24.62
CA GLU B 279 -4.03 12.31 24.46
C GLU B 279 -4.66 13.51 25.17
N VAL B 280 -5.98 13.60 25.25
CA VAL B 280 -6.63 14.71 25.96
C VAL B 280 -6.20 14.75 27.43
N ILE B 281 -6.17 13.57 28.07
CA ILE B 281 -5.67 13.47 29.43
C ILE B 281 -4.27 14.04 29.53
N LEU B 282 -3.37 13.63 28.62
CA LEU B 282 -2.01 14.15 28.65
C LEU B 282 -1.99 15.67 28.56
N LYS B 283 -2.76 16.21 27.62
CA LYS B 283 -2.78 17.66 27.41
C LYS B 283 -3.30 18.38 28.64
N ASN B 284 -4.24 17.77 29.34
CA ASN B 284 -4.78 18.33 30.57
C ASN B 284 -3.82 18.23 31.74
N SER B 285 -2.84 17.35 31.67
CA SER B 285 -1.97 17.06 32.80
C SER B 285 -0.55 17.61 32.69
N VAL B 286 -0.03 17.84 31.48
CA VAL B 286 1.32 18.38 31.31
C VAL B 286 1.32 19.50 30.27
N GLU B 287 2.43 20.26 30.26
CA GLU B 287 2.58 21.36 29.30
C GLU B 287 2.98 20.88 27.93
N ARG B 288 4.08 20.12 27.81
CA ARG B 288 4.61 19.65 26.52
C ARG B 288 4.10 18.23 26.32
N ALA B 289 2.96 18.13 25.66
CA ALA B 289 2.20 16.90 25.69
C ALA B 289 2.38 16.16 24.37
N SER B 290 3.60 15.63 24.15
CA SER B 290 3.83 14.82 22.96
C SER B 290 3.43 13.37 23.23
N PRO B 291 2.51 12.79 22.46
CA PRO B 291 2.14 11.40 22.65
C PRO B 291 3.10 10.38 22.05
N TYR B 292 4.25 10.79 21.54
CA TYR B 292 5.15 9.86 20.86
C TYR B 292 6.22 9.29 21.79
N LEU B 293 6.09 9.50 23.10
CA LEU B 293 7.04 9.10 24.11
C LEU B 293 6.42 8.03 24.99
N ARG B 294 7.26 7.20 25.62
CA ARG B 294 6.82 6.33 26.71
C ARG B 294 6.92 7.11 28.02
N TYR B 295 5.79 7.28 28.71
CA TYR B 295 5.76 8.02 29.96
C TYR B 295 5.81 7.06 31.15
N TYR B 296 6.38 7.54 32.26
CA TYR B 296 6.48 6.79 33.50
C TYR B 296 5.80 7.56 34.61
N PHE B 297 4.64 7.08 35.04
CA PHE B 297 3.91 7.75 36.10
C PHE B 297 4.60 7.49 37.42
N ARG B 298 5.23 8.53 37.97
CA ARG B 298 5.99 8.47 39.23
C ARG B 298 6.98 7.29 39.26
N GLU B 299 7.54 6.92 38.11
CA GLU B 299 8.42 5.75 37.97
C GLU B 299 7.79 4.46 38.51
N LEU B 300 6.45 4.40 38.58
CA LEU B 300 5.76 3.20 39.07
C LEU B 300 5.19 2.36 37.94
N ILE B 301 4.67 3.00 36.90
CA ILE B 301 3.93 2.30 35.85
C ILE B 301 4.14 3.05 34.55
N SER B 302 4.30 2.31 33.46
CA SER B 302 4.47 2.93 32.16
C SER B 302 3.12 3.29 31.56
N VAL B 303 3.05 4.46 30.94
CA VAL B 303 1.82 4.95 30.35
C VAL B 303 2.10 5.46 28.95
N PHE B 304 1.37 4.95 27.97
CA PHE B 304 1.37 5.49 26.62
C PHE B 304 0.07 6.25 26.40
N PHE B 305 0.14 7.31 25.61
CA PHE B 305 -1.03 8.11 25.29
C PHE B 305 -1.32 7.92 23.81
N ARG B 306 -2.50 7.51 23.49
CA ARG B 306 -2.80 7.28 22.15
C ARG B 306 -2.81 8.50 21.26
N ASP B 307 -2.47 8.29 20.02
CA ASP B 307 -2.62 9.34 19.01
C ASP B 307 -4.09 9.42 18.70
N LYS B 308 -4.73 10.44 19.25
CA LYS B 308 -6.17 10.58 19.13
C LYS B 308 -6.59 10.87 17.70
N THR B 309 -5.80 11.66 16.97
CA THR B 309 -6.16 11.95 15.59
C THR B 309 -6.21 10.69 14.74
N LEU B 310 -5.16 9.86 14.82
CA LEU B 310 -5.12 8.64 14.01
C LEU B 310 -6.14 7.61 14.47
N SER B 311 -6.33 7.49 15.78
CA SER B 311 -7.38 6.59 16.30
C SER B 311 -8.76 7.01 15.82
N ASP B 312 -9.02 8.32 15.81
CA ASP B 312 -10.32 8.83 15.39
C ASP B 312 -10.52 8.71 13.88
N LEU B 313 -9.45 8.84 13.08
CA LEU B 313 -9.57 8.69 11.64
C LEU B 313 -10.12 7.31 11.29
N ILE B 314 -9.53 6.28 11.87
CA ILE B 314 -10.02 4.91 11.63
C ILE B 314 -11.42 4.72 12.24
N GLY B 315 -11.58 5.13 13.49
CA GLY B 315 -12.82 4.89 14.19
C GLY B 315 -14.01 5.63 13.63
N PHE B 316 -13.80 6.82 13.06
CA PHE B 316 -14.94 7.66 12.68
C PHE B 316 -14.84 8.27 11.31
N SER B 317 -13.65 8.41 10.72
CA SER B 317 -13.54 9.15 9.48
C SER B 317 -13.50 8.25 8.26
N TYR B 318 -12.63 7.23 8.26
CA TYR B 318 -12.29 6.54 7.02
C TYR B 318 -13.42 5.71 6.44
N HIS B 319 -14.49 5.45 7.20
CA HIS B 319 -15.63 4.77 6.59
C HIS B 319 -16.17 5.58 5.43
N ALA B 320 -16.10 6.91 5.52
CA ALA B 320 -16.54 7.86 4.52
C ALA B 320 -15.51 8.08 3.42
N TRP B 321 -14.47 7.24 3.34
CA TRP B 321 -13.44 7.36 2.32
C TRP B 321 -13.38 6.12 1.44
N ASN B 322 -12.86 6.31 0.22
CA ASN B 322 -12.44 5.18 -0.59
C ASN B 322 -11.24 4.52 0.10
N ALA B 323 -11.15 3.19 0.01
CA ALA B 323 -10.15 2.50 0.83
C ALA B 323 -8.73 2.91 0.47
N GLU B 324 -8.41 3.04 -0.82
CA GLU B 324 -7.03 3.39 -1.16
C GLU B 324 -6.68 4.81 -0.71
N ASP B 325 -7.62 5.75 -0.85
CA ASP B 325 -7.34 7.11 -0.41
C ASP B 325 -7.14 7.17 1.08
N ALA B 326 -7.94 6.39 1.84
CA ALA B 326 -7.80 6.38 3.29
C ALA B 326 -6.42 5.88 3.70
N VAL B 327 -5.98 4.75 3.14
CA VAL B 327 -4.66 4.23 3.50
C VAL B 327 -3.57 5.23 3.13
N ARG B 328 -3.68 5.83 1.94
CA ARG B 328 -2.72 6.88 1.54
C ARG B 328 -2.70 8.03 2.54
N ASP B 329 -3.87 8.44 3.04
CA ASP B 329 -3.91 9.53 4.01
C ASP B 329 -3.22 9.12 5.31
N PHE B 330 -3.50 7.91 5.78
CA PHE B 330 -2.95 7.41 7.03
C PHE B 330 -1.43 7.25 6.93
N ILE B 331 -0.96 6.60 5.86
CA ILE B 331 0.49 6.48 5.62
C ILE B 331 1.13 7.85 5.50
N GLY B 332 0.47 8.76 4.78
CA GLY B 332 0.99 10.10 4.65
C GLY B 332 1.12 10.80 5.99
N ARG B 333 0.16 10.58 6.90
CA ARG B 333 0.28 11.19 8.21
C ARG B 333 1.42 10.58 9.02
N LEU B 334 1.61 9.26 8.91
CA LEU B 334 2.76 8.65 9.58
C LEU B 334 4.08 9.15 9.01
N LYS B 335 4.17 9.37 7.69
CA LYS B 335 5.43 9.88 7.17
C LYS B 335 5.73 11.24 7.79
N LYS B 336 4.70 12.06 8.00
CA LYS B 336 4.93 13.37 8.59
C LYS B 336 5.36 13.25 10.05
N ILE B 337 4.79 12.31 10.80
CA ILE B 337 5.27 12.08 12.17
C ILE B 337 6.74 11.67 12.14
N HIS B 338 7.08 10.71 11.26
CA HIS B 338 8.44 10.22 11.13
C HIS B 338 9.41 11.36 10.84
N GLU B 339 9.03 12.30 9.99
CA GLU B 339 9.93 13.39 9.64
C GLU B 339 9.93 14.51 10.66
N SER B 340 8.92 14.55 11.53
CA SER B 340 8.79 15.64 12.49
C SER B 340 9.75 15.53 13.67
N VAL B 341 10.34 14.36 13.89
CA VAL B 341 11.21 14.15 15.05
C VAL B 341 12.48 13.45 14.62
N ASP B 342 13.55 13.74 15.33
CA ASP B 342 14.84 13.11 15.09
C ASP B 342 14.99 11.81 15.87
N PHE B 343 14.09 11.51 16.79
CA PHE B 343 14.07 10.22 17.49
C PHE B 343 13.04 9.29 16.84
N GLN B 344 12.89 8.10 17.45
CA GLN B 344 11.96 7.12 16.94
C GLN B 344 10.66 7.23 17.73
N PRO B 345 9.61 7.82 17.16
CA PRO B 345 8.36 7.98 17.91
C PRO B 345 7.61 6.68 18.03
N VAL B 346 6.87 6.55 19.13
CA VAL B 346 5.95 5.44 19.34
C VAL B 346 4.53 5.96 19.12
N VAL B 347 3.82 5.42 18.13
CA VAL B 347 2.51 5.93 17.74
C VAL B 347 1.47 4.88 18.18
N PHE B 348 0.69 5.19 19.20
CA PHE B 348 -0.33 4.26 19.67
C PHE B 348 -1.66 4.58 19.00
N VAL B 349 -2.21 3.57 18.31
CA VAL B 349 -3.52 3.70 17.69
C VAL B 349 -4.45 2.79 18.49
N VAL B 350 -5.34 3.39 19.26
CA VAL B 350 -6.13 2.64 20.24
C VAL B 350 -7.59 3.02 20.08
N LEU B 351 -8.42 2.06 19.82
CA LEU B 351 -9.83 2.25 19.67
C LEU B 351 -10.60 0.90 19.78
N ASN B 352 -11.91 0.94 19.82
CA ASN B 352 -12.69 -0.27 19.82
C ASN B 352 -12.41 -1.03 18.56
N GLY B 353 -12.31 -2.34 18.67
CA GLY B 353 -12.04 -3.13 17.53
C GLY B 353 -13.18 -3.72 16.79
N GLU B 354 -14.38 -3.46 17.21
CA GLU B 354 -15.50 -4.15 16.56
C GLU B 354 -16.63 -3.23 16.10
N ASN B 355 -16.60 -1.93 16.41
CA ASN B 355 -17.78 -1.11 16.18
C ASN B 355 -17.73 -0.26 14.92
N CYS B 356 -16.54 0.03 14.41
CA CYS B 356 -16.48 0.95 13.29
C CYS B 356 -16.65 0.25 11.95
N TRP B 357 -16.37 -1.06 11.87
CA TRP B 357 -16.31 -1.71 10.56
C TRP B 357 -17.65 -1.78 9.85
N GLU B 358 -18.77 -1.83 10.60
CA GLU B 358 -20.08 -1.93 9.96
C GLU B 358 -20.45 -0.70 9.14
N TYR B 359 -19.78 0.44 9.34
CA TYR B 359 -20.01 1.63 8.52
C TYR B 359 -19.05 1.73 7.33
N TYR B 360 -18.12 0.79 7.20
CA TYR B 360 -17.21 0.73 6.06
C TYR B 360 -17.82 -0.13 4.96
N GLU B 361 -17.54 0.25 3.71
CA GLU B 361 -17.79 -0.61 2.59
C GLU B 361 -17.20 -1.99 2.85
N GLU B 362 -18.01 -3.03 2.60
CA GLU B 362 -17.58 -4.43 2.75
C GLU B 362 -16.97 -4.71 4.12
N ASN B 363 -17.63 -4.23 5.17
CA ASN B 363 -17.22 -4.49 6.55
C ASN B 363 -15.76 -4.12 6.81
N GLY B 364 -15.22 -3.11 6.14
CA GLY B 364 -13.86 -2.65 6.41
C GLY B 364 -12.76 -3.52 5.83
N ILE B 365 -13.10 -4.54 5.07
CA ILE B 365 -12.09 -5.51 4.64
C ILE B 365 -11.20 -4.90 3.57
N PRO B 366 -11.71 -4.21 2.54
CA PRO B 366 -10.77 -3.55 1.60
C PRO B 366 -9.83 -2.59 2.32
N PHE B 367 -10.33 -1.83 3.29
CA PHE B 367 -9.48 -0.90 4.02
C PHE B 367 -8.38 -1.63 4.79
N LEU B 368 -8.75 -2.60 5.62
CA LEU B 368 -7.76 -3.27 6.46
C LEU B 368 -6.78 -4.11 5.65
N GLU B 369 -7.27 -4.84 4.65
CA GLU B 369 -6.35 -5.58 3.77
C GLU B 369 -5.36 -4.63 3.10
N LYS B 370 -5.83 -3.48 2.61
CA LYS B 370 -4.90 -2.56 1.97
C LYS B 370 -3.96 -1.92 2.99
N LEU B 371 -4.51 -1.52 4.14
CA LEU B 371 -3.71 -0.93 5.21
C LEU B 371 -2.64 -1.89 5.69
N TYR B 372 -3.05 -3.11 6.03
CA TYR B 372 -2.09 -4.09 6.54
C TYR B 372 -1.11 -4.55 5.46
N SER B 373 -1.58 -4.72 4.22
CA SER B 373 -0.66 -5.03 3.11
C SER B 373 0.40 -3.95 2.95
N THR B 374 0.01 -2.69 3.13
CA THR B 374 0.94 -1.58 2.95
C THR B 374 1.92 -1.51 4.11
N LEU B 375 1.43 -1.72 5.34
CA LEU B 375 2.28 -1.63 6.52
C LEU B 375 3.33 -2.73 6.58
N GLU B 376 2.97 -3.96 6.15
CA GLU B 376 3.89 -5.07 6.26
C GLU B 376 5.08 -4.90 5.32
N LYS B 377 5.00 -3.95 4.39
CA LYS B 377 6.02 -3.77 3.37
C LYS B 377 6.77 -2.45 3.52
N GLU B 378 6.33 -1.56 4.39
CA GLU B 378 6.94 -0.24 4.56
C GLU B 378 8.21 -0.35 5.39
N GLU B 379 9.35 0.00 4.79
CA GLU B 379 10.64 -0.24 5.43
C GLU B 379 10.81 0.56 6.72
N TRP B 380 10.28 1.77 6.78
CA TRP B 380 10.58 2.65 7.89
C TRP B 380 9.52 2.59 9.01
N ILE B 381 8.47 1.79 8.87
CA ILE B 381 7.50 1.55 9.94
C ILE B 381 7.76 0.18 10.51
N GLU B 382 7.86 0.08 11.83
CA GLU B 382 7.85 -1.22 12.49
C GLU B 382 6.64 -1.27 13.40
N THR B 383 5.74 -2.23 13.17
CA THR B 383 4.65 -2.41 14.12
C THR B 383 5.13 -3.25 15.29
N LEU B 384 4.58 -2.98 16.48
CA LEU B 384 5.09 -3.63 17.68
C LEU B 384 3.97 -4.29 18.47
N THR B 385 4.33 -5.36 19.21
CA THR B 385 3.47 -5.85 20.29
C THR B 385 3.53 -4.90 21.48
N LEU B 386 2.56 -5.03 22.40
CA LEU B 386 2.63 -4.22 23.61
C LEU B 386 3.91 -4.51 24.38
N GLU B 387 4.31 -5.78 24.42
CA GLU B 387 5.56 -6.16 25.07
C GLU B 387 6.75 -5.44 24.45
N GLU B 388 6.79 -5.40 23.12
CA GLU B 388 7.92 -4.72 22.47
C GLU B 388 7.87 -3.21 22.68
N ALA B 389 6.67 -2.61 22.67
CA ALA B 389 6.62 -1.17 22.92
C ALA B 389 6.99 -0.85 24.37
N MET B 390 6.67 -1.76 25.29
CA MET B 390 6.99 -1.58 26.70
C MET B 390 8.48 -1.74 26.99
N ARG B 391 9.18 -2.60 26.23
CA ARG B 391 10.58 -2.92 26.51
C ARG B 391 11.57 -2.22 25.58
N LYS B 392 11.10 -1.56 24.52
CA LYS B 392 12.01 -0.96 23.54
C LYS B 392 12.88 0.10 24.20
N GLU B 393 14.18 0.05 23.94
CA GLU B 393 15.10 0.98 24.56
C GLU B 393 15.44 2.17 23.66
N ASP B 394 15.25 2.06 22.35
CA ASP B 394 15.62 3.16 21.46
C ASP B 394 14.45 4.11 21.26
N VAL B 395 13.85 4.49 22.38
CA VAL B 395 12.62 5.26 22.42
C VAL B 395 12.81 6.41 23.41
N LYS B 396 12.05 7.49 23.21
CA LYS B 396 12.15 8.61 24.14
C LYS B 396 11.15 8.44 25.27
N THR B 397 11.52 8.95 26.42
CA THR B 397 10.85 8.68 27.67
C THR B 397 10.68 9.98 28.43
N GLU B 398 9.71 10.00 29.33
CA GLU B 398 9.45 11.17 30.17
C GLU B 398 8.72 10.69 31.39
N VAL B 399 8.93 11.36 32.51
CA VAL B 399 8.29 11.02 33.78
C VAL B 399 7.12 11.98 34.00
N ILE B 400 6.04 11.49 34.60
CA ILE B 400 4.89 12.33 34.89
C ILE B 400 4.48 12.08 36.33
N GLU B 401 4.18 13.16 37.05
CA GLU B 401 3.89 13.08 38.47
C GLU B 401 2.40 13.10 38.80
N SER B 402 1.57 13.61 37.89
CA SER B 402 0.16 13.72 38.22
C SER B 402 -0.65 13.72 36.94
N VAL B 403 -1.85 13.14 37.01
CA VAL B 403 -2.78 13.21 35.90
C VAL B 403 -4.07 13.87 36.39
N LYS B 404 -4.72 14.58 35.48
CA LYS B 404 -6.08 15.08 35.70
C LYS B 404 -7.04 13.98 35.28
N ALA B 405 -7.91 13.54 36.21
CA ALA B 405 -8.77 12.39 35.96
C ALA B 405 -9.69 12.66 34.78
N GLY B 406 -9.87 11.64 33.93
CA GLY B 406 -10.72 11.82 32.78
C GLY B 406 -10.94 10.51 32.05
N THR B 407 -11.59 10.62 30.90
CA THR B 407 -11.80 9.50 29.97
C THR B 407 -11.44 9.99 28.58
N TRP B 408 -11.55 9.11 27.59
CA TRP B 408 -11.34 9.54 26.22
C TRP B 408 -12.56 10.22 25.63
N PHE B 409 -13.64 10.39 26.38
CA PHE B 409 -14.78 11.21 25.93
C PHE B 409 -14.59 12.60 26.50
N ASP B 410 -13.92 13.45 25.71
CA ASP B 410 -13.70 14.86 26.03
C ASP B 410 -12.87 15.05 27.28
N GLY B 411 -12.16 14.03 27.72
CA GLY B 411 -11.38 14.11 28.93
C GLY B 411 -12.18 14.21 30.22
N ASN B 412 -13.47 13.89 30.21
CA ASN B 412 -14.27 14.02 31.43
C ASN B 412 -15.23 12.85 31.54
N PHE B 413 -16.07 12.86 32.59
CA PHE B 413 -16.93 11.73 32.91
C PHE B 413 -18.41 11.96 32.56
N LEU B 414 -18.73 12.98 31.76
CA LEU B 414 -20.14 13.34 31.59
C LEU B 414 -20.96 12.33 30.78
N LYS B 415 -20.34 11.38 30.07
CA LYS B 415 -21.18 10.35 29.45
C LYS B 415 -21.73 9.32 30.45
N TRP B 416 -21.31 9.36 31.72
CA TRP B 416 -21.70 8.32 32.68
C TRP B 416 -22.31 8.86 33.97
N ILE B 417 -22.17 10.15 34.23
CA ILE B 417 -22.62 10.72 35.48
C ILE B 417 -22.88 12.20 35.23
N GLY B 418 -23.74 12.80 36.04
CA GLY B 418 -23.90 14.23 36.01
C GLY B 418 -25.16 14.77 35.38
N ASN B 419 -26.09 13.93 34.93
CA ASN B 419 -27.41 14.44 34.64
C ASN B 419 -28.42 13.62 35.43
N LYS B 420 -29.68 14.05 35.41
CA LYS B 420 -30.67 13.44 36.29
C LYS B 420 -30.79 11.94 36.06
N GLU B 421 -30.81 11.50 34.79
CA GLU B 421 -31.10 10.10 34.51
C GLU B 421 -29.89 9.23 34.85
N LYS B 422 -28.72 9.64 34.40
CA LYS B 422 -27.50 8.92 34.79
C LYS B 422 -27.36 8.90 36.31
N ASN B 423 -27.60 10.04 36.98
CA ASN B 423 -27.42 10.07 38.41
C ASN B 423 -28.38 9.12 39.12
N GLU B 424 -29.59 8.94 38.58
CA GLU B 424 -30.54 8.00 39.16
C GLU B 424 -29.99 6.59 39.14
N TYR B 425 -29.26 6.21 38.09
CA TYR B 425 -28.60 4.90 38.07
C TYR B 425 -27.56 4.79 39.20
N TRP B 426 -26.73 5.81 39.37
CA TRP B 426 -25.77 5.75 40.48
C TRP B 426 -26.49 5.68 41.82
N LYS B 427 -27.58 6.43 41.97
CA LYS B 427 -28.37 6.36 43.20
C LYS B 427 -28.85 4.93 43.46
N ILE B 428 -29.38 4.28 42.42
CA ILE B 428 -29.85 2.91 42.55
C ILE B 428 -28.70 2.00 42.92
N LEU B 429 -27.55 2.17 42.25
CA LEU B 429 -26.40 1.34 42.54
C LEU B 429 -25.90 1.56 43.96
N ILE B 430 -25.92 2.82 44.43
CA ILE B 430 -25.43 3.09 45.79
C ILE B 430 -26.32 2.39 46.80
N GLU B 431 -27.63 2.42 46.58
CA GLU B 431 -28.54 1.83 47.57
C GLU B 431 -28.47 0.31 47.54
N ALA B 432 -28.34 -0.28 46.35
CA ALA B 432 -28.18 -1.73 46.26
C ALA B 432 -26.85 -2.18 46.86
N LYS B 433 -25.81 -1.36 46.70
CA LYS B 433 -24.50 -1.70 47.25
C LYS B 433 -24.55 -1.88 48.77
N LYS B 434 -25.38 -1.08 49.46
CA LYS B 434 -25.52 -1.24 50.91
C LYS B 434 -26.00 -2.63 51.27
N LYS B 435 -26.77 -3.26 50.40
CA LYS B 435 -27.42 -4.54 50.68
C LYS B 435 -26.90 -5.66 49.79
N ALA B 436 -25.78 -5.45 49.11
CA ALA B 436 -25.31 -6.42 48.14
C ALA B 436 -24.80 -7.69 48.83
N LYS B 437 -25.05 -8.83 48.19
CA LYS B 437 -24.67 -10.11 48.76
C LYS B 437 -23.87 -10.99 47.80
N ASN B 438 -23.66 -10.58 46.55
CA ASN B 438 -22.91 -11.37 45.60
C ASN B 438 -22.36 -10.46 44.51
N ASP B 439 -21.66 -11.07 43.54
CA ASP B 439 -20.89 -10.30 42.56
C ASP B 439 -21.74 -9.73 41.44
N TYR B 440 -23.06 -9.92 41.45
CA TYR B 440 -23.87 -9.19 40.49
C TYR B 440 -23.79 -7.68 40.72
N ILE B 441 -23.40 -7.23 41.91
CA ILE B 441 -23.21 -5.80 42.08
C ILE B 441 -22.03 -5.34 41.21
N LEU B 442 -21.06 -6.23 40.98
CA LEU B 442 -19.95 -5.88 40.08
C LEU B 442 -20.44 -5.76 38.64
N VAL B 443 -21.36 -6.64 38.24
CA VAL B 443 -21.91 -6.54 36.89
C VAL B 443 -22.56 -5.19 36.68
N ALA B 444 -23.28 -4.71 37.71
CA ALA B 444 -24.04 -3.47 37.65
C ALA B 444 -23.15 -2.24 37.66
N GLU B 445 -21.89 -2.40 38.04
CA GLU B 445 -20.93 -1.32 38.02
C GLU B 445 -20.30 -1.14 36.65
N GLY B 446 -20.65 -1.97 35.66
CA GLY B 446 -20.10 -1.80 34.34
C GLY B 446 -20.52 -0.47 33.72
N SER B 447 -19.60 0.10 32.92
CA SER B 447 -19.84 1.45 32.40
C SER B 447 -21.02 1.48 31.44
N ASP B 448 -21.30 0.38 30.71
CA ASP B 448 -22.28 0.44 29.64
C ASP B 448 -23.66 0.90 30.13
N TRP B 449 -24.09 0.42 31.29
CA TRP B 449 -25.43 0.78 31.75
C TRP B 449 -25.58 2.29 31.86
N PHE B 450 -24.55 2.97 32.39
CA PHE B 450 -24.63 4.42 32.57
C PHE B 450 -24.50 5.16 31.25
N TRP B 451 -23.79 4.56 30.31
CA TRP B 451 -23.59 5.15 29.00
C TRP B 451 -24.93 5.38 28.30
N TRP B 452 -25.80 4.35 28.30
CA TRP B 452 -27.06 4.40 27.57
C TRP B 452 -28.17 5.10 28.32
N GLN B 453 -28.00 5.29 29.63
CA GLN B 453 -29.06 5.87 30.46
C GLN B 453 -29.26 7.35 30.11
N GLY B 454 -30.51 7.74 29.87
CA GLY B 454 -30.88 9.11 29.61
C GLY B 454 -30.20 9.86 28.47
N GLU B 455 -30.46 9.45 27.22
CA GLU B 455 -29.98 10.17 26.06
C GLU B 455 -31.17 10.48 25.17
N GLU B 456 -31.32 9.80 24.04
CA GLU B 456 -32.52 9.86 23.21
C GLU B 456 -32.90 8.42 22.91
N LYS B 457 -34.11 8.03 23.35
CA LYS B 457 -34.47 6.62 23.57
C LYS B 457 -33.82 5.66 22.57
N ALA B 458 -34.28 5.64 21.32
CA ALA B 458 -33.71 4.80 20.27
C ALA B 458 -33.99 3.32 20.55
N PRO B 459 -34.04 2.47 19.52
CA PRO B 459 -34.46 1.08 19.74
C PRO B 459 -33.53 0.35 20.72
N PHE B 460 -34.16 -0.46 21.58
CA PHE B 460 -33.55 -1.48 22.44
C PHE B 460 -32.83 -0.93 23.66
N VAL B 461 -32.77 0.38 23.87
CA VAL B 461 -32.08 0.82 25.08
C VAL B 461 -32.86 0.48 26.32
N GLU B 462 -34.17 0.26 26.20
CA GLU B 462 -34.90 -0.25 27.35
C GLU B 462 -34.41 -1.64 27.74
N VAL B 463 -33.76 -2.39 26.84
CA VAL B 463 -33.21 -3.69 27.23
C VAL B 463 -32.03 -3.49 28.17
N PHE B 464 -31.14 -2.50 27.88
CA PHE B 464 -30.07 -2.18 28.82
C PHE B 464 -30.62 -1.81 30.19
N ASP B 465 -31.74 -1.08 30.21
CA ASP B 465 -32.33 -0.72 31.51
C ASP B 465 -32.84 -1.95 32.25
N LYS B 466 -33.49 -2.86 31.52
CA LYS B 466 -33.97 -4.10 32.14
C LYS B 466 -32.81 -4.92 32.68
N LEU B 467 -31.70 -4.99 31.93
CA LEU B 467 -30.55 -5.76 32.40
C LEU B 467 -29.95 -5.13 33.63
N PHE B 468 -29.71 -3.82 33.57
CA PHE B 468 -29.11 -3.14 34.72
C PHE B 468 -29.96 -3.38 35.96
N ARG B 469 -31.26 -3.17 35.84
CA ARG B 469 -32.11 -3.28 37.00
C ARG B 469 -32.25 -4.72 37.46
N SER B 470 -32.16 -5.68 36.53
CA SER B 470 -32.19 -7.07 36.94
C SER B 470 -30.92 -7.46 37.70
N PHE B 471 -29.76 -7.00 37.25
CA PHE B 471 -28.52 -7.29 37.98
C PHE B 471 -28.53 -6.66 39.37
N VAL B 472 -29.06 -5.44 39.49
CA VAL B 472 -29.10 -4.79 40.80
C VAL B 472 -30.01 -5.55 41.74
N ARG B 473 -31.18 -6.02 41.26
CA ARG B 473 -32.05 -6.81 42.13
C ARG B 473 -31.36 -8.13 42.52
N ARG B 474 -30.70 -8.78 41.56
CA ARG B 474 -30.14 -10.09 41.84
C ARG B 474 -28.96 -9.98 42.79
N ALA B 475 -28.26 -8.84 42.77
CA ALA B 475 -27.12 -8.58 43.66
C ALA B 475 -27.52 -8.61 45.14
N GLN B 476 -28.77 -8.36 45.44
CA GLN B 476 -29.22 -8.29 46.82
C GLN B 476 -29.80 -9.60 47.33
N GLU B 477 -29.77 -10.65 46.52
CA GLU B 477 -30.45 -11.89 46.93
C GLU B 477 -29.47 -12.97 47.36
#